data_2YQU
#
_entry.id   2YQU
#
_cell.length_a   54.411
_cell.length_b   105.760
_cell.length_c   84.907
_cell.angle_alpha   90.00
_cell.angle_beta   92.65
_cell.angle_gamma   90.00
#
_symmetry.space_group_name_H-M   'P 1 21 1'
#
loop_
_entity.id
_entity.type
_entity.pdbx_description
1 polymer '2-oxoglutarate dehydrogenase E3 component'
2 non-polymer 'CARBONATE ION'
3 non-polymer 'FLAVIN-ADENINE DINUCLEOTIDE'
4 non-polymer 'PHOSPHATE ION'
5 water water
#
_entity_poly.entity_id   1
_entity_poly.type   'polypeptide(L)'
_entity_poly.pdbx_seq_one_letter_code
;MYDLLVIGAGPGGYVAAIRAAQLGMKVGVVEKEKALGGTCLRVGCIPSKALLETTERIYEAKKGLLGAKVKGVELDLPAL
MAHKDKVVQANTQGVEFLFKKNGIARHQGTARFLSERKVLVEETGEELEARYILIATGSAPLIPPWAQVDYERVVTSTEA
LSFPEVPKRLIVVGGGVIGLELGVVWHRLGAEVIVLEYMDRILPTMDLEVSRAAERVFKKQGLTIRTGVRVTAVVPEAKG
ARVELEGGEVLEADRVLVAVGRRPYTEGLSLENAGLSTDERGRIPVDEHLRTRVPHIYAIGDVVRGPMLAHKASEEGIAA
VEHMVRGFGHVDYQAIPSVVYTHPEIAAVGYTEEELKAQGIPYKVGKFPYSASGRARAMGETEGFIKVLAHAKTDRILGV
HGIGARVGDVLAEAALALFFKASAEDLGRAPHAHPSLSEILKEAALAAWERPIHL
;
_entity_poly.pdbx_strand_id   A,B
#
# COMPACT_ATOMS: atom_id res chain seq x y z
N MET A 1 -42.30 16.78 -4.96
CA MET A 1 -41.66 15.60 -5.60
C MET A 1 -40.19 15.58 -5.23
N TYR A 2 -39.51 14.51 -5.61
CA TYR A 2 -38.07 14.44 -5.43
C TYR A 2 -37.34 15.38 -6.38
N ASP A 3 -36.18 15.87 -5.95
CA ASP A 3 -35.26 16.53 -6.89
C ASP A 3 -34.54 15.47 -7.72
N LEU A 4 -34.20 14.36 -7.07
CA LEU A 4 -33.47 13.27 -7.70
C LEU A 4 -34.06 11.94 -7.27
N LEU A 5 -34.40 11.10 -8.24
CA LEU A 5 -34.79 9.74 -8.00
C LEU A 5 -33.72 8.86 -8.63
N VAL A 6 -33.12 7.99 -7.81
CA VAL A 6 -32.04 7.10 -8.23
C VAL A 6 -32.58 5.70 -8.32
N ILE A 7 -32.35 5.03 -9.45
CA ILE A 7 -32.75 3.64 -9.61
C ILE A 7 -31.50 2.76 -9.50
N GLY A 8 -31.43 1.99 -8.42
CA GLY A 8 -30.28 1.16 -8.11
C GLY A 8 -29.51 1.76 -6.95
N ALA A 9 -29.09 0.92 -6.02
CA ALA A 9 -28.39 1.34 -4.81
C ALA A 9 -27.03 0.66 -4.71
N GLY A 10 -26.43 0.40 -5.87
CA GLY A 10 -25.03 -0.01 -5.95
C GLY A 10 -24.07 1.15 -5.73
N PRO A 11 -22.77 0.88 -5.92
CA PRO A 11 -21.73 1.90 -5.76
C PRO A 11 -22.07 3.21 -6.49
N GLY A 12 -22.62 3.09 -7.69
CA GLY A 12 -23.03 4.25 -8.46
C GLY A 12 -24.20 4.96 -7.81
N GLY A 13 -25.27 4.22 -7.59
CA GLY A 13 -26.50 4.80 -7.11
C GLY A 13 -26.41 5.33 -5.70
N TYR A 14 -25.93 4.51 -4.76
CA TYR A 14 -25.94 4.88 -3.35
C TYR A 14 -24.96 6.03 -3.06
N VAL A 15 -23.81 6.04 -3.74
CA VAL A 15 -22.89 7.17 -3.55
C VAL A 15 -23.42 8.45 -4.20
N ALA A 16 -24.04 8.32 -5.37
CA ALA A 16 -24.69 9.46 -6.00
C ALA A 16 -25.72 10.06 -5.05
N ALA A 17 -26.51 9.19 -4.42
CA ALA A 17 -27.58 9.63 -3.53
C ALA A 17 -27.04 10.43 -2.34
N ILE A 18 -25.97 9.94 -1.71
CA ILE A 18 -25.34 10.63 -0.58
C ILE A 18 -24.77 11.97 -1.03
N ARG A 19 -24.04 12.00 -2.15
CA ARG A 19 -23.52 13.25 -2.66
C ARG A 19 -24.61 14.26 -3.00
N ALA A 20 -25.69 13.78 -3.61
CA ALA A 20 -26.83 14.61 -3.95
C ALA A 20 -27.44 15.25 -2.70
N ALA A 21 -27.60 14.44 -1.65
CA ALA A 21 -28.07 14.95 -0.36
C ALA A 21 -27.13 16.03 0.17
N GLN A 22 -25.82 15.81 0.07
CA GLN A 22 -24.82 16.79 0.49
C GLN A 22 -24.95 18.11 -0.28
N LEU A 23 -25.40 18.02 -1.53
CA LEU A 23 -25.56 19.19 -2.38
C LEU A 23 -26.89 19.90 -2.14
N GLY A 24 -27.75 19.30 -1.31
CA GLY A 24 -29.00 19.90 -0.91
C GLY A 24 -30.23 19.38 -1.64
N MET A 25 -30.06 18.30 -2.40
CA MET A 25 -31.16 17.71 -3.14
C MET A 25 -32.04 16.84 -2.23
N LYS A 26 -33.33 16.79 -2.54
CA LYS A 26 -34.25 15.85 -1.91
C LYS A 26 -34.20 14.59 -2.76
N VAL A 27 -33.75 13.50 -2.16
CA VAL A 27 -33.39 12.31 -2.92
C VAL A 27 -34.21 11.10 -2.49
N GLY A 28 -34.67 10.36 -3.48
CA GLY A 28 -35.26 9.04 -3.28
C GLY A 28 -34.49 8.01 -4.08
N VAL A 29 -34.50 6.78 -3.58
CA VAL A 29 -33.77 5.67 -4.19
C VAL A 29 -34.70 4.46 -4.26
N VAL A 30 -34.82 3.87 -5.45
CA VAL A 30 -35.53 2.61 -5.62
C VAL A 30 -34.53 1.48 -5.83
N GLU A 31 -34.67 0.42 -5.04
CA GLU A 31 -33.81 -0.76 -5.17
C GLU A 31 -34.68 -2.00 -4.97
N LYS A 32 -34.58 -2.95 -5.89
CA LYS A 32 -35.44 -4.13 -5.87
C LYS A 32 -34.99 -5.20 -4.88
N GLU A 33 -33.68 -5.28 -4.62
CA GLU A 33 -33.16 -6.22 -3.62
C GLU A 33 -33.31 -5.66 -2.20
N LYS A 34 -33.44 -6.55 -1.22
CA LYS A 34 -33.70 -6.12 0.16
C LYS A 34 -32.57 -5.26 0.73
N ALA A 35 -31.33 -5.70 0.56
CA ALA A 35 -30.16 -4.99 1.10
C ALA A 35 -29.62 -4.00 0.07
N LEU A 36 -29.10 -2.89 0.58
CA LEU A 36 -28.48 -1.87 -0.26
C LEU A 36 -27.04 -2.26 -0.54
N GLY A 37 -26.42 -1.56 -1.48
CA GLY A 37 -25.00 -1.74 -1.78
C GLY A 37 -24.71 -2.37 -3.13
N GLY A 38 -25.75 -2.85 -3.80
CA GLY A 38 -25.65 -3.38 -5.14
C GLY A 38 -24.92 -4.69 -5.28
N THR A 39 -24.55 -4.99 -6.52
CA THR A 39 -23.78 -6.18 -6.84
C THR A 39 -22.49 -6.20 -6.02
N CYS A 40 -21.82 -5.04 -5.95
CA CYS A 40 -20.52 -4.94 -5.28
C CYS A 40 -20.55 -5.41 -3.84
N LEU A 41 -21.50 -4.88 -3.07
CA LEU A 41 -21.58 -5.18 -1.65
C LEU A 41 -22.18 -6.57 -1.36
N ARG A 42 -23.22 -6.92 -2.10
CA ARG A 42 -24.01 -8.12 -1.79
C ARG A 42 -23.36 -9.40 -2.29
N VAL A 43 -22.88 -9.37 -3.53
CA VAL A 43 -22.41 -10.58 -4.23
C VAL A 43 -21.17 -10.33 -5.09
N GLY A 44 -20.39 -9.30 -4.76
CA GLY A 44 -19.31 -8.85 -5.61
C GLY A 44 -18.01 -8.57 -4.87
N CYS A 45 -17.55 -7.31 -4.95
CA CYS A 45 -16.27 -6.89 -4.41
C CYS A 45 -16.07 -7.32 -2.96
N ILE A 46 -17.07 -7.07 -2.12
CA ILE A 46 -16.90 -7.26 -0.69
C ILE A 46 -16.79 -8.74 -0.31
N PRO A 47 -17.75 -9.59 -0.66
CA PRO A 47 -17.59 -11.01 -0.32
C PRO A 47 -16.37 -11.65 -0.99
N SER A 48 -16.05 -11.27 -2.23
CA SER A 48 -14.93 -11.88 -2.94
C SER A 48 -13.62 -11.49 -2.27
N LYS A 49 -13.48 -10.23 -1.87
CA LYS A 49 -12.25 -9.81 -1.17
C LYS A 49 -12.14 -10.43 0.22
N ALA A 50 -13.26 -10.64 0.90
CA ALA A 50 -13.27 -11.38 2.17
C ALA A 50 -12.67 -12.78 1.99
N LEU A 51 -13.09 -13.46 0.93
CA LEU A 51 -12.61 -14.80 0.64
C LEU A 51 -11.16 -14.77 0.19
N LEU A 52 -10.77 -13.78 -0.61
CA LEU A 52 -9.41 -13.69 -1.10
C LEU A 52 -8.40 -13.39 0.01
N GLU A 53 -8.72 -12.44 0.88
CA GLU A 53 -7.79 -12.06 1.95
C GLU A 53 -7.56 -13.23 2.90
N THR A 54 -8.64 -13.90 3.29
CA THR A 54 -8.59 -14.99 4.26
C THR A 54 -7.94 -16.23 3.68
N THR A 55 -8.29 -16.60 2.45
CA THR A 55 -7.70 -17.79 1.84
C THR A 55 -6.23 -17.56 1.57
N GLU A 56 -5.85 -16.32 1.29
CA GLU A 56 -4.45 -16.02 1.04
C GLU A 56 -3.60 -16.36 2.27
N ARG A 57 -4.07 -15.98 3.45
CA ARG A 57 -3.36 -16.28 4.71
C ARG A 57 -3.28 -17.78 4.93
N ILE A 58 -4.41 -18.45 4.70
CA ILE A 58 -4.49 -19.90 4.84
C ILE A 58 -3.48 -20.58 3.90
N TYR A 59 -3.46 -20.14 2.65
CA TYR A 59 -2.63 -20.75 1.62
C TYR A 59 -1.16 -20.61 1.97
N GLU A 60 -0.76 -19.43 2.43
CA GLU A 60 0.66 -19.19 2.76
C GLU A 60 1.10 -20.05 3.94
N ALA A 61 0.23 -20.20 4.94
CA ALA A 61 0.53 -21.03 6.11
C ALA A 61 0.65 -22.51 5.71
N LYS A 62 -0.15 -22.93 4.73
CA LYS A 62 -0.09 -24.31 4.22
C LYS A 62 1.21 -24.57 3.46
N LYS A 63 1.67 -23.60 2.69
CA LYS A 63 2.93 -23.73 1.96
C LYS A 63 4.13 -23.69 2.90
N GLY A 64 3.97 -23.06 4.06
CA GLY A 64 5.05 -22.91 5.02
C GLY A 64 5.42 -21.45 5.24
N LEU A 65 5.68 -21.10 6.49
CA LEU A 65 6.10 -19.76 6.85
C LEU A 65 7.59 -19.75 7.13
N LEU A 66 8.28 -18.70 6.69
CA LEU A 66 9.70 -18.53 6.97
C LEU A 66 9.91 -18.44 8.49
N GLY A 67 10.88 -19.21 8.99
CA GLY A 67 11.23 -19.19 10.40
C GLY A 67 10.32 -19.96 11.32
N ALA A 68 9.51 -20.87 10.78
CA ALA A 68 8.56 -21.64 11.60
C ALA A 68 8.10 -22.94 10.96
N LYS A 69 7.63 -23.86 11.79
CA LYS A 69 6.99 -25.09 11.34
C LYS A 69 5.53 -25.02 11.75
N VAL A 70 4.65 -25.02 10.76
CA VAL A 70 3.21 -25.01 10.99
C VAL A 70 2.78 -26.47 10.98
N LYS A 71 2.33 -26.94 12.14
CA LYS A 71 2.02 -28.35 12.35
C LYS A 71 0.76 -28.79 11.60
N GLY A 72 -0.16 -27.85 11.41
CA GLY A 72 -1.39 -28.17 10.69
C GLY A 72 -2.26 -26.94 10.43
N VAL A 73 -2.83 -26.88 9.24
CA VAL A 73 -3.82 -25.86 8.89
C VAL A 73 -4.99 -26.54 8.21
N GLU A 74 -6.13 -26.52 8.87
CA GLU A 74 -7.34 -27.18 8.39
C GLU A 74 -8.33 -26.10 8.00
N LEU A 75 -8.87 -26.19 6.78
CA LEU A 75 -9.95 -25.32 6.37
C LEU A 75 -11.15 -25.54 7.28
N ASP A 76 -11.75 -24.42 7.70
CA ASP A 76 -12.98 -24.39 8.48
C ASP A 76 -13.96 -23.62 7.61
N LEU A 77 -14.61 -24.32 6.68
CA LEU A 77 -15.45 -23.67 5.69
C LEU A 77 -16.63 -22.88 6.28
N PRO A 78 -17.33 -23.42 7.28
CA PRO A 78 -18.39 -22.65 7.95
C PRO A 78 -17.89 -21.34 8.53
N ALA A 79 -16.71 -21.36 9.15
CA ALA A 79 -16.11 -20.15 9.73
C ALA A 79 -15.67 -19.18 8.65
N LEU A 80 -15.14 -19.70 7.54
CA LEU A 80 -14.71 -18.89 6.40
C LEU A 80 -15.91 -18.15 5.80
N MET A 81 -17.02 -18.87 5.63
CA MET A 81 -18.23 -18.31 5.04
C MET A 81 -18.91 -17.37 6.02
N ALA A 82 -18.80 -17.66 7.31
CA ALA A 82 -19.38 -16.81 8.36
C ALA A 82 -18.68 -15.44 8.36
N HIS A 83 -17.37 -15.43 8.20
CA HIS A 83 -16.62 -14.19 8.13
C HIS A 83 -17.09 -13.38 6.91
N LYS A 84 -17.22 -14.04 5.78
CA LYS A 84 -17.67 -13.40 4.54
C LYS A 84 -19.01 -12.73 4.77
N ASP A 85 -19.94 -13.48 5.36
CA ASP A 85 -21.29 -12.99 5.57
C ASP A 85 -21.33 -11.81 6.54
N LYS A 86 -20.49 -11.86 7.57
CA LYS A 86 -20.42 -10.81 8.59
C LYS A 86 -19.87 -9.52 7.99
N VAL A 87 -18.87 -9.64 7.12
CA VAL A 87 -18.30 -8.47 6.45
C VAL A 87 -19.37 -7.82 5.57
N VAL A 88 -20.11 -8.64 4.83
CA VAL A 88 -21.17 -8.15 3.95
C VAL A 88 -22.25 -7.46 4.78
N GLN A 89 -22.69 -8.11 5.85
CA GLN A 89 -23.73 -7.58 6.74
C GLN A 89 -23.33 -6.20 7.28
N ALA A 90 -22.06 -6.05 7.69
CA ALA A 90 -21.58 -4.79 8.26
C ALA A 90 -21.57 -3.67 7.23
N ASN A 91 -21.22 -4.01 5.99
CA ASN A 91 -21.17 -3.04 4.91
C ASN A 91 -22.56 -2.59 4.46
N THR A 92 -23.50 -3.53 4.30
CA THR A 92 -24.86 -3.17 3.88
C THR A 92 -25.55 -2.32 4.95
N GLN A 93 -25.31 -2.65 6.22
CA GLN A 93 -25.87 -1.90 7.33
C GLN A 93 -25.28 -0.48 7.39
N GLY A 94 -24.04 -0.34 6.92
CA GLY A 94 -23.39 0.95 6.84
C GLY A 94 -24.05 1.86 5.83
N VAL A 95 -24.46 1.30 4.69
CA VAL A 95 -25.16 2.07 3.68
C VAL A 95 -26.53 2.51 4.20
N GLU A 96 -27.21 1.62 4.90
CA GLU A 96 -28.49 1.93 5.54
C GLU A 96 -28.32 3.11 6.49
N PHE A 97 -27.27 3.06 7.31
CA PHE A 97 -26.95 4.10 8.28
C PHE A 97 -26.79 5.43 7.55
N LEU A 98 -26.01 5.43 6.48
CA LEU A 98 -25.70 6.64 5.75
C LEU A 98 -26.90 7.24 5.01
N PHE A 99 -27.79 6.38 4.53
CA PHE A 99 -29.04 6.84 3.91
C PHE A 99 -29.88 7.56 4.95
N LYS A 100 -30.02 6.96 6.13
CA LYS A 100 -30.82 7.56 7.19
C LYS A 100 -30.19 8.87 7.65
N LYS A 101 -28.87 8.87 7.79
CA LYS A 101 -28.15 10.07 8.23
C LYS A 101 -28.34 11.24 7.26
N ASN A 102 -28.32 10.93 5.96
CA ASN A 102 -28.37 11.94 4.91
C ASN A 102 -29.80 12.26 4.44
N GLY A 103 -30.79 11.63 5.07
CA GLY A 103 -32.19 11.93 4.80
C GLY A 103 -32.68 11.45 3.43
N ILE A 104 -32.11 10.35 2.98
CA ILE A 104 -32.45 9.76 1.69
C ILE A 104 -33.58 8.77 1.88
N ALA A 105 -34.66 8.97 1.12
CA ALA A 105 -35.81 8.08 1.15
C ALA A 105 -35.51 6.85 0.31
N ARG A 106 -35.94 5.69 0.79
CA ARG A 106 -35.70 4.44 0.10
C ARG A 106 -37.01 3.71 -0.18
N HIS A 107 -37.13 3.19 -1.40
CA HIS A 107 -38.28 2.40 -1.83
C HIS A 107 -37.79 1.02 -2.25
N GLN A 108 -38.50 -0.02 -1.86
CA GLN A 108 -38.13 -1.39 -2.22
C GLN A 108 -39.07 -1.91 -3.30
N GLY A 109 -38.48 -2.28 -4.43
CA GLY A 109 -39.23 -2.71 -5.60
C GLY A 109 -38.47 -2.48 -6.89
N THR A 110 -39.06 -2.96 -7.99
CA THR A 110 -38.52 -2.78 -9.32
C THR A 110 -39.07 -1.50 -9.90
N ALA A 111 -38.19 -0.53 -10.14
CA ALA A 111 -38.55 0.72 -10.80
C ALA A 111 -38.75 0.49 -12.29
N ARG A 112 -39.83 1.05 -12.81
CA ARG A 112 -40.17 0.99 -14.23
C ARG A 112 -40.67 2.35 -14.69
N PHE A 113 -40.08 2.88 -15.77
CA PHE A 113 -40.49 4.18 -16.31
C PHE A 113 -41.94 4.15 -16.81
N LEU A 114 -42.70 5.17 -16.41
CA LEU A 114 -44.05 5.43 -16.93
C LEU A 114 -43.99 6.57 -17.94
N SER A 115 -43.15 7.55 -17.65
CA SER A 115 -42.85 8.66 -18.57
C SER A 115 -41.41 9.11 -18.32
N GLU A 116 -41.02 10.23 -18.93
CA GLU A 116 -39.67 10.77 -18.71
C GLU A 116 -39.47 11.32 -17.28
N ARG A 117 -40.56 11.57 -16.57
CA ARG A 117 -40.47 12.15 -15.22
C ARG A 117 -41.11 11.30 -14.14
N LYS A 118 -41.68 10.15 -14.50
CA LYS A 118 -42.44 9.33 -13.56
C LYS A 118 -42.03 7.88 -13.61
N VAL A 119 -41.90 7.27 -12.43
CA VAL A 119 -41.42 5.90 -12.28
C VAL A 119 -42.35 5.13 -11.34
N LEU A 120 -42.79 3.95 -11.77
CA LEU A 120 -43.59 3.06 -10.93
C LEU A 120 -42.69 2.10 -10.16
N VAL A 121 -42.89 2.03 -8.85
CA VAL A 121 -42.36 0.94 -8.03
C VAL A 121 -43.43 -0.14 -8.11
N GLU A 122 -43.13 -1.21 -8.84
CA GLU A 122 -44.14 -2.21 -9.17
C GLU A 122 -44.70 -2.93 -7.96
N GLU A 123 -43.89 -3.16 -6.93
CA GLU A 123 -44.31 -3.93 -5.77
C GLU A 123 -45.22 -3.13 -4.83
N THR A 124 -44.87 -1.86 -4.58
CA THR A 124 -45.66 -0.99 -3.70
C THR A 124 -46.78 -0.25 -4.46
N GLY A 125 -46.75 -0.31 -5.79
CA GLY A 125 -47.66 0.45 -6.63
C GLY A 125 -47.43 1.96 -6.64
N GLU A 126 -46.39 2.44 -5.96
CA GLU A 126 -46.13 3.87 -5.85
C GLU A 126 -45.72 4.44 -7.20
N GLU A 127 -46.24 5.62 -7.51
CA GLU A 127 -45.76 6.39 -8.65
C GLU A 127 -44.95 7.56 -8.11
N LEU A 128 -43.69 7.64 -8.53
CA LEU A 128 -42.75 8.61 -8.03
C LEU A 128 -42.36 9.59 -9.13
N GLU A 129 -42.37 10.87 -8.82
CA GLU A 129 -41.90 11.89 -9.76
C GLU A 129 -40.63 12.52 -9.25
N ALA A 130 -39.82 13.01 -10.18
CA ALA A 130 -38.59 13.70 -9.85
C ALA A 130 -38.18 14.66 -10.96
N ARG A 131 -37.39 15.66 -10.57
CA ARG A 131 -36.84 16.62 -11.53
C ARG A 131 -35.76 15.94 -12.37
N TYR A 132 -34.89 15.19 -11.70
CA TYR A 132 -33.82 14.43 -12.31
C TYR A 132 -33.97 12.95 -11.96
N ILE A 133 -33.64 12.07 -12.91
CA ILE A 133 -33.63 10.63 -12.67
C ILE A 133 -32.25 10.10 -13.05
N LEU A 134 -31.72 9.23 -12.21
CA LEU A 134 -30.39 8.67 -12.39
C LEU A 134 -30.52 7.17 -12.45
N ILE A 135 -30.26 6.62 -13.63
CA ILE A 135 -30.30 5.17 -13.87
C ILE A 135 -28.95 4.57 -13.49
N ALA A 136 -28.97 3.71 -12.49
CA ALA A 136 -27.79 3.05 -11.96
C ALA A 136 -28.12 1.57 -11.69
N THR A 137 -28.67 0.92 -12.71
CA THR A 137 -29.16 -0.46 -12.61
C THR A 137 -28.10 -1.56 -12.79
N GLY A 138 -26.87 -1.17 -13.07
CA GLY A 138 -25.74 -2.09 -13.01
C GLY A 138 -25.71 -3.10 -14.13
N SER A 139 -25.24 -4.30 -13.80
CA SER A 139 -25.08 -5.39 -14.78
C SER A 139 -25.54 -6.72 -14.19
N ALA A 140 -25.43 -7.77 -15.00
CA ALA A 140 -25.76 -9.13 -14.59
C ALA A 140 -24.81 -10.09 -15.29
N PRO A 141 -24.60 -11.28 -14.73
CA PRO A 141 -23.78 -12.28 -15.43
C PRO A 141 -24.27 -12.54 -16.86
N LEU A 142 -23.33 -12.59 -17.80
CA LEU A 142 -23.60 -12.97 -19.17
C LEU A 142 -23.67 -14.48 -19.23
N ILE A 143 -24.82 -14.99 -19.62
CA ILE A 143 -25.01 -16.42 -19.75
C ILE A 143 -25.31 -16.72 -21.22
N PRO A 144 -24.29 -17.12 -21.98
CA PRO A 144 -24.52 -17.51 -23.38
C PRO A 144 -25.51 -18.67 -23.47
N PRO A 145 -26.24 -18.78 -24.57
CA PRO A 145 -27.27 -19.82 -24.70
C PRO A 145 -26.73 -21.26 -24.58
N TRP A 146 -25.46 -21.47 -24.90
CA TRP A 146 -24.84 -22.79 -24.79
C TRP A 146 -24.48 -23.19 -23.36
N ALA A 147 -24.50 -22.23 -22.44
CA ALA A 147 -24.23 -22.52 -21.03
C ALA A 147 -25.53 -22.75 -20.28
N GLN A 148 -25.78 -24.00 -19.90
CA GLN A 148 -26.98 -24.35 -19.16
C GLN A 148 -26.71 -24.20 -17.67
N VAL A 149 -26.93 -22.98 -17.18
CA VAL A 149 -26.72 -22.63 -15.78
C VAL A 149 -27.93 -23.06 -14.97
N ASP A 150 -27.72 -23.99 -14.04
CA ASP A 150 -28.76 -24.41 -13.10
C ASP A 150 -28.54 -23.85 -11.69
N TYR A 151 -27.55 -22.97 -11.53
CA TYR A 151 -27.20 -22.35 -10.23
C TYR A 151 -26.83 -23.36 -9.13
N GLU A 152 -26.48 -24.57 -9.54
CA GLU A 152 -26.10 -25.64 -8.62
C GLU A 152 -24.75 -26.21 -9.04
N ARG A 153 -24.74 -26.95 -10.15
CA ARG A 153 -23.53 -27.55 -10.70
C ARG A 153 -22.84 -26.63 -11.72
N VAL A 154 -23.63 -25.95 -12.54
CA VAL A 154 -23.16 -24.90 -13.43
C VAL A 154 -23.67 -23.58 -12.87
N VAL A 155 -22.75 -22.68 -12.54
CA VAL A 155 -23.04 -21.53 -11.70
C VAL A 155 -22.48 -20.21 -12.21
N THR A 156 -22.97 -19.12 -11.63
CA THR A 156 -22.39 -17.80 -11.80
C THR A 156 -21.54 -17.45 -10.58
N SER A 157 -20.99 -16.24 -10.59
CA SER A 157 -20.10 -15.80 -9.52
C SER A 157 -20.78 -15.85 -8.16
N THR A 158 -22.08 -15.60 -8.13
CA THR A 158 -22.80 -15.56 -6.85
C THR A 158 -22.71 -16.87 -6.09
N GLU A 159 -22.93 -17.98 -6.80
CA GLU A 159 -22.95 -19.30 -6.19
C GLU A 159 -21.53 -19.76 -5.90
N ALA A 160 -20.58 -19.27 -6.69
CA ALA A 160 -19.18 -19.60 -6.49
C ALA A 160 -18.59 -18.95 -5.24
N LEU A 161 -19.27 -17.96 -4.68
CA LEU A 161 -18.89 -17.37 -3.40
C LEU A 161 -19.32 -18.22 -2.19
N SER A 162 -20.12 -19.26 -2.44
CA SER A 162 -20.82 -19.98 -1.39
C SER A 162 -20.91 -21.49 -1.64
N PHE A 163 -19.94 -22.08 -2.33
CA PHE A 163 -19.96 -23.53 -2.51
C PHE A 163 -20.05 -24.19 -1.13
N PRO A 164 -20.94 -25.18 -0.98
CA PRO A 164 -21.12 -25.89 0.30
C PRO A 164 -19.96 -26.82 0.71
N GLU A 165 -19.07 -27.12 -0.23
CA GLU A 165 -17.79 -27.77 0.05
C GLU A 165 -16.79 -27.36 -1.03
N VAL A 166 -15.52 -27.65 -0.80
CA VAL A 166 -14.51 -27.37 -1.81
C VAL A 166 -14.70 -28.35 -2.97
N PRO A 167 -14.86 -27.84 -4.18
CA PRO A 167 -14.99 -28.72 -5.36
C PRO A 167 -13.67 -29.42 -5.63
N LYS A 168 -13.71 -30.74 -5.78
CA LYS A 168 -12.49 -31.47 -6.13
C LYS A 168 -11.93 -30.95 -7.44
N ARG A 169 -12.82 -30.72 -8.41
CA ARG A 169 -12.45 -30.14 -9.70
C ARG A 169 -13.39 -28.96 -10.01
N LEU A 170 -12.80 -27.81 -10.31
CA LEU A 170 -13.55 -26.62 -10.70
C LEU A 170 -13.05 -26.17 -12.08
N ILE A 171 -13.97 -25.93 -13.01
CA ILE A 171 -13.63 -25.30 -14.28
C ILE A 171 -14.20 -23.90 -14.25
N VAL A 172 -13.36 -22.92 -14.53
CA VAL A 172 -13.80 -21.54 -14.74
C VAL A 172 -13.81 -21.25 -16.24
N VAL A 173 -14.99 -20.97 -16.78
CA VAL A 173 -15.14 -20.57 -18.17
C VAL A 173 -15.07 -19.05 -18.22
N GLY A 174 -13.96 -18.56 -18.75
CA GLY A 174 -13.69 -17.13 -18.83
C GLY A 174 -12.45 -16.78 -18.03
N GLY A 175 -11.55 -16.03 -18.65
CA GLY A 175 -10.28 -15.69 -18.02
C GLY A 175 -10.21 -14.23 -17.60
N GLY A 176 -11.35 -13.63 -17.28
CA GLY A 176 -11.38 -12.27 -16.79
C GLY A 176 -11.14 -12.19 -15.29
N VAL A 177 -11.22 -10.99 -14.74
CA VAL A 177 -10.90 -10.75 -13.34
C VAL A 177 -11.74 -11.59 -12.39
N ILE A 178 -13.07 -11.57 -12.57
CA ILE A 178 -13.96 -12.23 -11.62
C ILE A 178 -13.70 -13.73 -11.53
N GLY A 179 -13.57 -14.39 -12.68
CA GLY A 179 -13.41 -15.84 -12.69
C GLY A 179 -12.06 -16.27 -12.17
N LEU A 180 -11.04 -15.48 -12.47
CA LEU A 180 -9.68 -15.78 -12.03
C LEU A 180 -9.57 -15.66 -10.51
N GLU A 181 -10.11 -14.57 -9.97
CA GLU A 181 -10.18 -14.40 -8.52
C GLU A 181 -10.86 -15.57 -7.82
N LEU A 182 -12.04 -15.96 -8.31
CA LEU A 182 -12.78 -17.04 -7.68
C LEU A 182 -12.11 -18.41 -7.91
N GLY A 183 -11.45 -18.56 -9.06
CA GLY A 183 -10.65 -19.73 -9.34
C GLY A 183 -9.56 -19.88 -8.29
N VAL A 184 -8.87 -18.78 -8.00
CA VAL A 184 -7.78 -18.77 -7.02
C VAL A 184 -8.30 -19.07 -5.60
N VAL A 185 -9.46 -18.51 -5.24
CA VAL A 185 -10.03 -18.76 -3.92
C VAL A 185 -10.13 -20.26 -3.66
N TRP A 186 -10.70 -20.99 -4.62
CA TRP A 186 -10.97 -22.42 -4.42
C TRP A 186 -9.72 -23.27 -4.64
N HIS A 187 -8.82 -22.80 -5.51
CA HIS A 187 -7.53 -23.45 -5.70
C HIS A 187 -6.74 -23.47 -4.39
N ARG A 188 -6.76 -22.35 -3.68
CA ARG A 188 -6.08 -22.24 -2.39
C ARG A 188 -6.60 -23.25 -1.36
N LEU A 189 -7.87 -23.63 -1.50
CA LEU A 189 -8.51 -24.55 -0.56
C LEU A 189 -8.46 -26.01 -1.02
N GLY A 190 -7.76 -26.28 -2.13
CA GLY A 190 -7.46 -27.64 -2.55
C GLY A 190 -8.10 -28.07 -3.85
N ALA A 191 -8.87 -27.17 -4.47
CA ALA A 191 -9.53 -27.49 -5.73
C ALA A 191 -8.51 -27.55 -6.85
N GLU A 192 -8.68 -28.52 -7.75
CA GLU A 192 -7.97 -28.54 -9.02
C GLU A 192 -8.78 -27.61 -9.93
N VAL A 193 -8.16 -26.51 -10.36
CA VAL A 193 -8.86 -25.45 -11.07
C VAL A 193 -8.31 -25.35 -12.48
N ILE A 194 -9.22 -25.34 -13.46
CA ILE A 194 -8.89 -25.15 -14.85
C ILE A 194 -9.62 -23.91 -15.35
N VAL A 195 -8.91 -23.01 -16.02
CA VAL A 195 -9.48 -21.77 -16.53
C VAL A 195 -9.44 -21.85 -18.06
N LEU A 196 -10.59 -21.67 -18.70
CA LEU A 196 -10.70 -21.72 -20.16
C LEU A 196 -11.03 -20.33 -20.68
N GLU A 197 -10.25 -19.85 -21.64
CA GLU A 197 -10.48 -18.52 -22.23
C GLU A 197 -10.36 -18.60 -23.75
N TYR A 198 -11.31 -17.98 -24.45
CA TYR A 198 -11.35 -17.96 -25.91
C TYR A 198 -10.24 -17.12 -26.52
N MET A 199 -10.03 -15.93 -25.95
CA MET A 199 -8.96 -15.03 -26.40
C MET A 199 -7.59 -15.62 -26.10
N ASP A 200 -6.57 -15.06 -26.72
CA ASP A 200 -5.20 -15.57 -26.62
C ASP A 200 -4.45 -15.15 -25.36
N ARG A 201 -5.18 -14.61 -24.39
CA ARG A 201 -4.61 -14.20 -23.11
C ARG A 201 -5.71 -14.06 -22.05
N ILE A 202 -5.30 -14.03 -20.78
CA ILE A 202 -6.21 -13.74 -19.69
C ILE A 202 -6.12 -12.26 -19.33
N LEU A 203 -7.06 -11.81 -18.51
CA LEU A 203 -7.11 -10.42 -18.03
C LEU A 203 -6.91 -9.43 -19.19
N PRO A 204 -7.85 -9.41 -20.14
CA PRO A 204 -7.68 -8.62 -21.37
C PRO A 204 -7.62 -7.09 -21.18
N THR A 205 -8.10 -6.55 -20.05
CA THR A 205 -8.02 -5.12 -19.79
C THR A 205 -6.65 -4.69 -19.28
N MET A 206 -5.84 -5.65 -18.84
CA MET A 206 -4.48 -5.35 -18.40
C MET A 206 -3.57 -5.11 -19.60
N ASP A 207 -2.42 -4.49 -19.31
CA ASP A 207 -1.32 -4.40 -20.27
C ASP A 207 -0.86 -5.81 -20.62
N LEU A 208 -0.53 -6.02 -21.90
CA LEU A 208 -0.25 -7.35 -22.40
C LEU A 208 0.88 -8.01 -21.61
N GLU A 209 1.91 -7.25 -21.29
CA GLU A 209 3.03 -7.75 -20.49
C GLU A 209 2.57 -8.31 -19.14
N VAL A 210 1.65 -7.60 -18.50
CA VAL A 210 1.10 -7.99 -17.21
C VAL A 210 0.20 -9.23 -17.33
N SER A 211 -0.64 -9.28 -18.35
CA SER A 211 -1.44 -10.47 -18.66
C SER A 211 -0.55 -11.71 -18.81
N ARG A 212 0.54 -11.56 -19.56
CA ARG A 212 1.46 -12.67 -19.78
C ARG A 212 2.09 -13.12 -18.47
N ALA A 213 2.50 -12.15 -17.65
CA ALA A 213 3.13 -12.44 -16.38
C ALA A 213 2.15 -13.12 -15.43
N ALA A 214 0.90 -12.67 -15.45
CA ALA A 214 -0.13 -13.23 -14.59
C ALA A 214 -0.34 -14.70 -14.92
N GLU A 215 -0.44 -15.01 -16.20
CA GLU A 215 -0.62 -16.40 -16.64
C GLU A 215 0.52 -17.30 -16.15
N ARG A 216 1.76 -16.83 -16.25
CA ARG A 216 2.92 -17.58 -15.76
C ARG A 216 2.82 -17.86 -14.25
N VAL A 217 2.44 -16.84 -13.49
CA VAL A 217 2.37 -16.95 -12.03
C VAL A 217 1.29 -17.95 -11.62
N PHE A 218 0.12 -17.86 -12.24
CA PHE A 218 -0.99 -18.73 -11.85
C PHE A 218 -0.75 -20.17 -12.25
N LYS A 219 -0.03 -20.38 -13.35
CA LYS A 219 0.40 -21.74 -13.75
C LYS A 219 1.39 -22.29 -12.73
N LYS A 220 2.34 -21.46 -12.30
CA LYS A 220 3.30 -21.90 -11.27
C LYS A 220 2.59 -22.27 -9.97
N GLN A 221 1.55 -21.52 -9.62
CA GLN A 221 0.79 -21.75 -8.39
C GLN A 221 -0.02 -23.05 -8.46
N GLY A 222 -0.31 -23.51 -9.67
CA GLY A 222 -0.94 -24.80 -9.90
C GLY A 222 -2.30 -24.76 -10.57
N LEU A 223 -2.75 -23.61 -11.04
CA LEU A 223 -3.95 -23.55 -11.87
C LEU A 223 -3.58 -24.00 -13.26
N THR A 224 -4.52 -24.65 -13.94
CA THR A 224 -4.37 -24.93 -15.36
C THR A 224 -5.03 -23.77 -16.10
N ILE A 225 -4.29 -23.10 -16.98
CA ILE A 225 -4.81 -22.00 -17.78
C ILE A 225 -4.71 -22.37 -19.26
N ARG A 226 -5.84 -22.35 -19.96
CA ARG A 226 -5.88 -22.68 -21.37
C ARG A 226 -6.57 -21.59 -22.15
N THR A 227 -5.76 -20.81 -22.87
CA THR A 227 -6.27 -19.76 -23.73
C THR A 227 -6.45 -20.29 -25.16
N GLY A 228 -7.10 -19.50 -26.01
CA GLY A 228 -7.35 -19.90 -27.38
C GLY A 228 -8.28 -21.10 -27.52
N VAL A 229 -9.20 -21.25 -26.57
CA VAL A 229 -10.10 -22.40 -26.51
C VAL A 229 -11.55 -21.90 -26.50
N ARG A 230 -12.33 -22.38 -27.46
CA ARG A 230 -13.75 -22.03 -27.52
C ARG A 230 -14.63 -23.11 -26.88
N VAL A 231 -15.28 -22.75 -25.78
CA VAL A 231 -16.26 -23.61 -25.15
C VAL A 231 -17.55 -23.57 -25.98
N THR A 232 -18.09 -24.74 -26.29
CA THR A 232 -19.28 -24.86 -27.12
C THR A 232 -20.51 -25.29 -26.33
N ALA A 233 -20.31 -25.86 -25.15
CA ALA A 233 -21.42 -26.22 -24.27
C ALA A 233 -20.98 -26.38 -22.82
N VAL A 234 -21.87 -26.04 -21.90
CA VAL A 234 -21.70 -26.38 -20.50
C VAL A 234 -23.02 -26.96 -20.04
N VAL A 235 -22.98 -28.20 -19.56
CA VAL A 235 -24.20 -28.94 -19.23
C VAL A 235 -24.07 -29.60 -17.85
N PRO A 236 -25.06 -29.40 -16.98
CA PRO A 236 -25.07 -30.11 -15.70
C PRO A 236 -25.29 -31.61 -15.88
N GLU A 237 -24.69 -32.40 -14.98
CA GLU A 237 -24.88 -33.84 -14.93
C GLU A 237 -25.30 -34.22 -13.50
N ALA A 238 -25.52 -35.51 -13.27
CA ALA A 238 -26.07 -35.99 -12.00
C ALA A 238 -25.32 -35.51 -10.76
N LYS A 239 -24.00 -35.64 -10.76
CA LYS A 239 -23.16 -35.22 -9.63
C LYS A 239 -21.92 -34.48 -10.12
N GLY A 240 -22.13 -33.63 -11.12
CA GLY A 240 -21.08 -32.82 -11.70
C GLY A 240 -21.59 -32.03 -12.89
N ALA A 241 -20.69 -31.73 -13.82
CA ALA A 241 -21.04 -31.02 -15.06
C ALA A 241 -19.95 -31.24 -16.10
N ARG A 242 -20.33 -31.16 -17.36
CA ARG A 242 -19.35 -31.27 -18.43
C ARG A 242 -19.22 -29.95 -19.20
N VAL A 243 -18.05 -29.79 -19.79
CA VAL A 243 -17.72 -28.63 -20.60
C VAL A 243 -17.20 -29.16 -21.92
N GLU A 244 -17.94 -28.92 -23.00
CA GLU A 244 -17.51 -29.35 -24.32
C GLU A 244 -16.74 -28.22 -25.00
N LEU A 245 -15.66 -28.59 -25.69
CA LEU A 245 -14.84 -27.64 -26.43
C LEU A 245 -14.98 -27.89 -27.93
N GLU A 246 -14.74 -26.84 -28.71
CA GLU A 246 -14.70 -26.96 -30.16
C GLU A 246 -13.66 -28.01 -30.56
N GLY A 247 -14.09 -28.97 -31.37
CA GLY A 247 -13.24 -30.06 -31.81
C GLY A 247 -13.54 -31.41 -31.19
N GLY A 248 -14.33 -31.45 -30.12
CA GLY A 248 -14.77 -32.70 -29.52
C GLY A 248 -14.37 -32.99 -28.08
N GLU A 249 -13.39 -32.26 -27.55
CA GLU A 249 -12.88 -32.51 -26.20
C GLU A 249 -13.94 -32.19 -25.15
N VAL A 250 -14.06 -33.07 -24.16
CA VAL A 250 -15.03 -32.91 -23.08
C VAL A 250 -14.29 -32.94 -21.75
N LEU A 251 -14.47 -31.89 -20.95
CA LEU A 251 -13.93 -31.83 -19.61
C LEU A 251 -15.05 -32.08 -18.63
N GLU A 252 -14.72 -32.70 -17.51
CA GLU A 252 -15.66 -32.96 -16.44
C GLU A 252 -15.15 -32.31 -15.17
N ALA A 253 -16.08 -31.80 -14.37
CA ALA A 253 -15.77 -31.20 -13.08
C ALA A 253 -16.95 -31.29 -12.12
N ASP A 254 -16.70 -31.00 -10.84
CA ASP A 254 -17.76 -31.01 -9.83
C ASP A 254 -18.62 -29.74 -9.91
N ARG A 255 -17.97 -28.63 -10.23
CA ARG A 255 -18.65 -27.35 -10.45
C ARG A 255 -18.02 -26.69 -11.65
N VAL A 256 -18.82 -25.93 -12.39
CA VAL A 256 -18.32 -25.09 -13.46
C VAL A 256 -18.82 -23.69 -13.24
N LEU A 257 -17.89 -22.74 -13.18
CA LEU A 257 -18.22 -21.32 -13.03
C LEU A 257 -18.23 -20.67 -14.40
N VAL A 258 -19.39 -20.15 -14.79
CA VAL A 258 -19.54 -19.44 -16.05
C VAL A 258 -19.31 -17.95 -15.76
N ALA A 259 -18.14 -17.45 -16.14
CA ALA A 259 -17.72 -16.07 -15.87
C ALA A 259 -17.11 -15.47 -17.14
N VAL A 260 -17.92 -15.40 -18.19
CA VAL A 260 -17.47 -14.91 -19.50
C VAL A 260 -17.77 -13.42 -19.72
N GLY A 261 -18.24 -12.74 -18.68
CA GLY A 261 -18.50 -11.31 -18.73
C GLY A 261 -19.76 -10.94 -17.99
N ARG A 262 -20.05 -9.64 -17.99
CA ARG A 262 -21.30 -9.13 -17.47
C ARG A 262 -21.91 -8.17 -18.48
N ARG A 263 -23.24 -8.14 -18.50
CA ARG A 263 -23.98 -7.36 -19.47
C ARG A 263 -24.79 -6.29 -18.74
N PRO A 264 -24.80 -5.08 -19.28
CA PRO A 264 -25.59 -4.00 -18.70
C PRO A 264 -27.04 -4.48 -18.47
N TYR A 265 -27.60 -4.17 -17.31
CA TYR A 265 -28.92 -4.69 -16.90
C TYR A 265 -29.98 -3.59 -16.92
N THR A 266 -30.99 -3.76 -17.79
CA THR A 266 -32.11 -2.83 -17.86
C THR A 266 -33.44 -3.58 -17.93
N GLU A 267 -33.46 -4.84 -17.52
CA GLU A 267 -34.67 -5.65 -17.58
C GLU A 267 -35.75 -5.05 -16.68
N GLY A 268 -36.95 -4.90 -17.21
CA GLY A 268 -38.09 -4.41 -16.45
C GLY A 268 -38.13 -2.92 -16.24
N LEU A 269 -37.23 -2.17 -16.87
CA LEU A 269 -37.12 -0.73 -16.67
C LEU A 269 -38.04 0.06 -17.61
N SER A 270 -38.51 -0.58 -18.67
CA SER A 270 -39.31 0.08 -19.71
C SER A 270 -38.69 1.41 -20.12
N LEU A 271 -37.42 1.38 -20.53
CA LEU A 271 -36.70 2.57 -20.98
C LEU A 271 -37.45 3.33 -22.06
N GLU A 272 -38.13 2.60 -22.93
CA GLU A 272 -38.94 3.18 -24.01
C GLU A 272 -39.96 4.24 -23.53
N ASN A 273 -40.50 4.07 -22.35
CA ASN A 273 -41.45 5.04 -21.78
C ASN A 273 -40.79 6.38 -21.42
N ALA A 274 -39.48 6.39 -21.24
CA ALA A 274 -38.72 7.62 -21.02
C ALA A 274 -38.17 8.21 -22.32
N GLY A 275 -38.36 7.51 -23.43
CA GLY A 275 -37.86 7.92 -24.73
C GLY A 275 -36.43 7.51 -24.93
N LEU A 276 -36.04 6.44 -24.23
CA LEU A 276 -34.65 5.96 -24.22
C LEU A 276 -34.57 4.56 -24.80
N SER A 277 -33.36 4.23 -25.26
CA SER A 277 -33.09 2.88 -25.74
C SER A 277 -31.65 2.47 -25.44
N THR A 278 -31.39 1.18 -25.53
CA THR A 278 -30.04 0.64 -25.37
C THR A 278 -29.37 0.45 -26.71
N ASP A 279 -28.03 0.47 -26.70
CA ASP A 279 -27.25 0.17 -27.88
C ASP A 279 -27.07 -1.35 -28.04
N GLU A 280 -26.16 -1.74 -28.90
CA GLU A 280 -26.05 -3.14 -29.34
C GLU A 280 -25.61 -4.05 -28.19
N ARG A 281 -24.83 -3.48 -27.27
CA ARG A 281 -24.31 -4.21 -26.11
C ARG A 281 -25.19 -4.09 -24.87
N GLY A 282 -26.32 -3.40 -24.98
CA GLY A 282 -27.24 -3.26 -23.88
C GLY A 282 -27.00 -2.04 -23.03
N ARG A 283 -26.02 -1.23 -23.40
CA ARG A 283 -25.69 -0.02 -22.64
C ARG A 283 -26.67 1.10 -22.95
N ILE A 284 -26.86 2.01 -22.00
CA ILE A 284 -27.58 3.25 -22.23
C ILE A 284 -26.55 4.29 -22.65
N PRO A 285 -26.67 4.80 -23.89
CA PRO A 285 -25.75 5.83 -24.35
C PRO A 285 -25.83 7.09 -23.48
N VAL A 286 -24.68 7.63 -23.12
CA VAL A 286 -24.60 8.90 -22.39
C VAL A 286 -23.51 9.80 -22.99
N ASP A 287 -23.60 11.09 -22.71
CA ASP A 287 -22.60 12.05 -23.16
C ASP A 287 -21.52 12.21 -22.09
N GLU A 288 -20.66 13.22 -22.24
CA GLU A 288 -19.54 13.38 -21.32
C GLU A 288 -19.92 13.87 -19.92
N HIS A 289 -21.16 14.31 -19.75
CA HIS A 289 -21.69 14.65 -18.42
C HIS A 289 -22.63 13.59 -17.87
N LEU A 290 -22.65 12.43 -18.53
CA LEU A 290 -23.45 11.27 -18.13
C LEU A 290 -24.95 11.45 -18.34
N ARG A 291 -25.34 12.42 -19.18
CA ARG A 291 -26.73 12.58 -19.55
C ARG A 291 -27.08 11.62 -20.67
N THR A 292 -28.26 11.03 -20.60
CA THR A 292 -28.83 10.32 -21.74
C THR A 292 -29.31 11.37 -22.74
N ARG A 293 -29.97 10.91 -23.80
CA ARG A 293 -30.52 11.83 -24.79
C ARG A 293 -31.69 12.66 -24.23
N VAL A 294 -32.29 12.20 -23.14
CA VAL A 294 -33.26 12.98 -22.39
C VAL A 294 -32.49 13.70 -21.28
N PRO A 295 -32.33 15.02 -21.39
CA PRO A 295 -31.30 15.74 -20.63
C PRO A 295 -31.36 15.66 -19.09
N HIS A 296 -32.55 15.49 -18.50
CA HIS A 296 -32.69 15.37 -17.05
C HIS A 296 -32.56 13.93 -16.54
N ILE A 297 -32.31 12.99 -17.44
CA ILE A 297 -32.10 11.60 -17.07
C ILE A 297 -30.64 11.27 -17.34
N TYR A 298 -29.94 10.83 -16.31
CA TYR A 298 -28.54 10.48 -16.37
C TYR A 298 -28.39 8.98 -16.20
N ALA A 299 -27.27 8.44 -16.62
CA ALA A 299 -26.97 7.01 -16.40
C ALA A 299 -25.50 6.83 -16.10
N ILE A 300 -25.20 5.87 -15.22
CA ILE A 300 -23.85 5.67 -14.67
C ILE A 300 -23.56 4.21 -14.39
N GLY A 301 -22.27 3.92 -14.17
CA GLY A 301 -21.86 2.61 -13.72
C GLY A 301 -21.87 1.56 -14.81
N ASP A 302 -22.08 0.32 -14.39
CA ASP A 302 -22.04 -0.82 -15.29
C ASP A 302 -23.06 -0.77 -16.42
N VAL A 303 -24.11 0.04 -16.29
CA VAL A 303 -25.14 0.14 -17.34
C VAL A 303 -24.73 1.04 -18.52
N VAL A 304 -23.65 1.81 -18.37
CA VAL A 304 -23.13 2.64 -19.45
C VAL A 304 -21.70 2.21 -19.81
N ARG A 305 -21.16 2.83 -20.85
CA ARG A 305 -19.82 2.50 -21.36
C ARG A 305 -18.74 2.68 -20.29
N GLY A 306 -17.61 2.00 -20.48
CA GLY A 306 -16.45 2.18 -19.63
C GLY A 306 -16.21 0.99 -18.72
N PRO A 307 -15.09 0.99 -17.99
CA PRO A 307 -14.71 -0.16 -17.14
C PRO A 307 -15.78 -0.45 -16.09
N MET A 308 -16.14 -1.72 -15.96
CA MET A 308 -17.19 -2.13 -15.05
C MET A 308 -16.59 -2.34 -13.68
N LEU A 309 -16.35 -1.22 -12.99
CA LEU A 309 -15.73 -1.19 -11.68
C LEU A 309 -16.56 -0.35 -10.70
N ALA A 310 -16.51 -0.75 -9.44
CA ALA A 310 -17.30 -0.12 -8.40
C ALA A 310 -16.94 1.36 -8.25
N HIS A 311 -15.65 1.65 -8.17
CA HIS A 311 -15.21 3.04 -8.02
C HIS A 311 -15.39 3.89 -9.29
N LYS A 312 -15.48 3.24 -10.46
CA LYS A 312 -15.84 3.91 -11.70
C LYS A 312 -17.28 4.34 -11.56
N ALA A 313 -18.12 3.42 -11.11
CA ALA A 313 -19.55 3.72 -10.96
C ALA A 313 -19.78 4.87 -9.98
N SER A 314 -19.10 4.83 -8.84
CA SER A 314 -19.27 5.83 -7.79
C SER A 314 -18.77 7.20 -8.25
N GLU A 315 -17.63 7.23 -8.94
CA GLU A 315 -17.12 8.51 -9.44
C GLU A 315 -18.05 9.13 -10.46
N GLU A 316 -18.72 8.28 -11.25
CA GLU A 316 -19.68 8.74 -12.24
C GLU A 316 -20.93 9.25 -11.54
N GLY A 317 -21.31 8.60 -10.45
CA GLY A 317 -22.42 9.04 -9.62
C GLY A 317 -22.18 10.44 -9.07
N ILE A 318 -20.97 10.67 -8.56
CA ILE A 318 -20.58 11.98 -8.03
C ILE A 318 -20.66 13.04 -9.11
N ALA A 319 -20.07 12.75 -10.28
CA ALA A 319 -20.01 13.70 -11.40
C ALA A 319 -21.40 14.00 -11.95
N ALA A 320 -22.27 13.00 -11.97
CA ALA A 320 -23.62 13.16 -12.50
C ALA A 320 -24.42 14.13 -11.64
N VAL A 321 -24.40 13.91 -10.33
CA VAL A 321 -25.22 14.74 -9.43
C VAL A 321 -24.63 16.14 -9.25
N GLU A 322 -23.31 16.24 -9.31
CA GLU A 322 -22.66 17.54 -9.33
C GLU A 322 -23.01 18.34 -10.60
N HIS A 323 -23.21 17.64 -11.71
CA HIS A 323 -23.63 18.29 -12.96
C HIS A 323 -25.09 18.76 -12.85
N MET A 324 -25.93 17.93 -12.27
CA MET A 324 -27.33 18.27 -12.04
C MET A 324 -27.45 19.62 -11.30
N VAL A 325 -26.68 19.77 -10.24
CA VAL A 325 -26.83 20.94 -9.35
C VAL A 325 -26.03 22.15 -9.83
N ARG A 326 -24.80 21.92 -10.30
CA ARG A 326 -23.86 23.01 -10.61
C ARG A 326 -23.64 23.26 -12.10
N GLY A 327 -24.02 22.30 -12.94
CA GLY A 327 -23.89 22.42 -14.38
C GLY A 327 -22.52 22.04 -14.90
N PHE A 328 -21.68 21.50 -14.02
CA PHE A 328 -20.32 21.05 -14.36
C PHE A 328 -20.00 19.77 -13.59
N GLY A 329 -19.40 18.81 -14.28
CA GLY A 329 -18.91 17.60 -13.66
C GLY A 329 -17.87 16.96 -14.56
N HIS A 330 -17.13 15.98 -14.03
CA HIS A 330 -16.07 15.36 -14.81
C HIS A 330 -15.49 14.17 -14.06
N VAL A 331 -15.24 13.09 -14.79
CA VAL A 331 -14.53 11.94 -14.28
C VAL A 331 -13.21 11.82 -15.03
N ASP A 332 -12.13 11.62 -14.29
CA ASP A 332 -10.85 11.39 -14.92
C ASP A 332 -10.68 9.89 -15.10
N TYR A 333 -11.09 9.40 -16.27
CA TYR A 333 -11.03 7.95 -16.55
C TYR A 333 -9.59 7.41 -16.56
N GLN A 334 -8.63 8.28 -16.89
CA GLN A 334 -7.21 7.88 -16.92
C GLN A 334 -6.57 7.67 -15.55
N ALA A 335 -7.25 8.09 -14.49
CA ALA A 335 -6.75 7.93 -13.13
C ALA A 335 -7.46 6.83 -12.35
N ILE A 336 -8.32 6.07 -13.04
CA ILE A 336 -9.09 4.99 -12.41
C ILE A 336 -8.31 3.69 -12.51
N PRO A 337 -7.85 3.15 -11.38
CA PRO A 337 -7.14 1.86 -11.39
C PRO A 337 -8.07 0.67 -11.56
N SER A 338 -7.54 -0.36 -12.20
CA SER A 338 -8.21 -1.65 -12.28
C SER A 338 -7.27 -2.66 -11.64
N VAL A 339 -7.77 -3.41 -10.67
CA VAL A 339 -6.94 -4.28 -9.83
C VAL A 339 -7.54 -5.68 -9.73
N VAL A 340 -6.67 -6.68 -9.69
CA VAL A 340 -7.03 -8.06 -9.45
C VAL A 340 -6.46 -8.44 -8.09
N TYR A 341 -7.32 -8.92 -7.19
CA TYR A 341 -6.96 -9.08 -5.77
C TYR A 341 -6.50 -10.49 -5.39
N THR A 342 -5.83 -11.13 -6.35
CA THR A 342 -5.07 -12.34 -6.12
C THR A 342 -3.79 -11.98 -5.38
N HIS A 343 -2.96 -12.97 -5.12
CA HIS A 343 -1.59 -12.75 -4.65
C HIS A 343 -0.69 -13.52 -5.61
N PRO A 344 0.12 -12.84 -6.40
CA PRO A 344 0.31 -11.39 -6.37
C PRO A 344 -0.90 -10.61 -6.88
N GLU A 345 -1.02 -9.34 -6.50
CA GLU A 345 -2.00 -8.47 -7.14
C GLU A 345 -1.54 -8.11 -8.54
N ILE A 346 -2.50 -7.72 -9.37
CA ILE A 346 -2.28 -7.37 -10.76
C ILE A 346 -3.02 -6.06 -10.96
N ALA A 347 -2.40 -5.07 -11.59
CA ALA A 347 -3.08 -3.78 -11.73
C ALA A 347 -2.70 -2.96 -12.96
N ALA A 348 -3.61 -2.07 -13.33
CA ALA A 348 -3.42 -1.14 -14.44
C ALA A 348 -4.08 0.18 -14.13
N VAL A 349 -3.42 1.26 -14.50
CA VAL A 349 -4.03 2.57 -14.46
C VAL A 349 -3.54 3.37 -15.67
N GLY A 350 -4.43 4.21 -16.21
CA GLY A 350 -4.13 4.96 -17.42
C GLY A 350 -4.01 4.02 -18.61
N TYR A 351 -3.24 4.42 -19.61
CA TYR A 351 -3.17 3.71 -20.87
C TYR A 351 -2.18 2.55 -20.81
N THR A 352 -2.53 1.46 -21.49
CA THR A 352 -1.59 0.37 -21.72
C THR A 352 -0.67 0.73 -22.87
N GLU A 353 0.43 0.01 -22.99
CA GLU A 353 1.30 0.10 -24.16
C GLU A 353 0.51 -0.13 -25.45
N GLU A 354 -0.45 -1.06 -25.41
CA GLU A 354 -1.28 -1.38 -26.58
C GLU A 354 -2.10 -0.17 -27.02
N GLU A 355 -2.70 0.52 -26.05
CA GLU A 355 -3.50 1.70 -26.33
C GLU A 355 -2.63 2.86 -26.84
N LEU A 356 -1.45 3.05 -26.26
CA LEU A 356 -0.55 4.11 -26.71
C LEU A 356 -0.08 3.87 -28.15
N LYS A 357 0.30 2.63 -28.46
CA LYS A 357 0.73 2.28 -29.81
C LYS A 357 -0.39 2.50 -30.82
N ALA A 358 -1.61 2.14 -30.45
CA ALA A 358 -2.77 2.31 -31.32
C ALA A 358 -3.08 3.79 -31.59
N GLN A 359 -2.83 4.63 -30.59
CA GLN A 359 -3.08 6.07 -30.69
C GLN A 359 -1.91 6.84 -31.27
N GLY A 360 -0.80 6.16 -31.54
CA GLY A 360 0.39 6.76 -32.11
C GLY A 360 1.18 7.66 -31.18
N ILE A 361 0.98 7.53 -29.87
CA ILE A 361 1.65 8.36 -28.88
C ILE A 361 3.05 7.81 -28.58
N PRO A 362 4.08 8.63 -28.72
CA PRO A 362 5.45 8.20 -28.43
C PRO A 362 5.69 8.17 -26.94
N TYR A 363 6.28 7.10 -26.42
CA TYR A 363 6.48 6.95 -24.99
C TYR A 363 7.80 6.28 -24.60
N LYS A 364 8.15 6.46 -23.33
CA LYS A 364 9.28 5.79 -22.71
C LYS A 364 8.76 4.80 -21.66
N VAL A 365 9.48 3.70 -21.51
CA VAL A 365 9.13 2.65 -20.57
C VAL A 365 10.17 2.64 -19.46
N GLY A 366 9.69 2.68 -18.22
CA GLY A 366 10.52 2.49 -17.04
C GLY A 366 10.00 1.30 -16.26
N LYS A 367 10.88 0.40 -15.88
CA LYS A 367 10.47 -0.83 -15.23
C LYS A 367 11.43 -1.16 -14.09
N PHE A 368 10.87 -1.47 -12.92
CA PHE A 368 11.64 -1.89 -11.76
C PHE A 368 11.05 -3.19 -11.19
N PRO A 369 11.89 -4.20 -11.02
CA PRO A 369 11.43 -5.52 -10.57
C PRO A 369 11.38 -5.63 -9.06
N TYR A 370 10.43 -6.42 -8.55
CA TYR A 370 10.35 -6.74 -7.13
C TYR A 370 11.63 -7.39 -6.61
N SER A 371 12.38 -8.04 -7.49
CA SER A 371 13.62 -8.73 -7.13
C SER A 371 14.70 -7.78 -6.64
N ALA A 372 14.61 -6.52 -7.07
CA ALA A 372 15.56 -5.49 -6.64
C ALA A 372 15.06 -4.66 -5.44
N SER A 373 13.90 -5.01 -4.88
CA SER A 373 13.29 -4.29 -3.76
C SER A 373 13.72 -4.87 -2.41
N GLY A 374 14.29 -4.04 -1.55
CA GLY A 374 14.68 -4.45 -0.20
C GLY A 374 13.50 -4.99 0.59
N ARG A 375 12.40 -4.23 0.57
CA ARG A 375 11.20 -4.63 1.30
C ARG A 375 10.62 -5.94 0.76
N ALA A 376 10.54 -6.08 -0.56
CA ALA A 376 10.02 -7.31 -1.17
C ALA A 376 10.86 -8.51 -0.75
N ARG A 377 12.18 -8.35 -0.81
CA ARG A 377 13.10 -9.39 -0.36
C ARG A 377 12.81 -9.77 1.09
N ALA A 378 12.64 -8.76 1.94
CA ALA A 378 12.39 -8.97 3.36
C ALA A 378 11.12 -9.79 3.59
N MET A 379 10.09 -9.55 2.77
CA MET A 379 8.81 -10.28 2.82
C MET A 379 8.89 -11.72 2.29
N GLY A 380 9.95 -12.03 1.55
CA GLY A 380 10.08 -13.30 0.87
C GLY A 380 9.45 -13.28 -0.51
N GLU A 381 9.24 -12.07 -1.04
CA GLU A 381 8.72 -11.86 -2.39
C GLU A 381 9.86 -11.47 -3.33
N THR A 382 9.91 -12.12 -4.49
CA THR A 382 10.94 -11.83 -5.49
C THR A 382 10.36 -11.57 -6.88
N GLU A 383 9.15 -12.08 -7.14
CA GLU A 383 8.54 -12.00 -8.47
C GLU A 383 7.64 -10.77 -8.61
N GLY A 384 7.65 -10.19 -9.80
CA GLY A 384 6.80 -9.06 -10.12
C GLY A 384 7.58 -7.86 -10.61
N PHE A 385 6.85 -6.85 -11.06
CA PHE A 385 7.45 -5.59 -11.49
C PHE A 385 6.40 -4.50 -11.50
N ILE A 386 6.87 -3.26 -11.54
CA ILE A 386 6.01 -2.13 -11.89
C ILE A 386 6.65 -1.40 -13.07
N LYS A 387 5.79 -0.96 -13.99
CA LYS A 387 6.17 -0.33 -15.23
C LYS A 387 5.45 1.02 -15.32
N VAL A 388 6.21 2.08 -15.57
CA VAL A 388 5.67 3.40 -15.81
C VAL A 388 5.85 3.76 -17.29
N LEU A 389 4.77 4.21 -17.91
CA LEU A 389 4.80 4.68 -19.29
C LEU A 389 4.71 6.20 -19.26
N ALA A 390 5.67 6.90 -19.85
CA ALA A 390 5.67 8.36 -19.86
C ALA A 390 5.82 8.91 -21.27
N HIS A 391 5.21 10.06 -21.53
CA HIS A 391 5.27 10.65 -22.86
C HIS A 391 6.72 10.98 -23.20
N ALA A 392 7.13 10.64 -24.41
CA ALA A 392 8.53 10.78 -24.85
C ALA A 392 8.99 12.24 -24.88
N LYS A 393 8.08 13.15 -25.11
CA LYS A 393 8.42 14.56 -25.21
C LYS A 393 8.17 15.33 -23.92
N THR A 394 6.99 15.15 -23.30
CA THR A 394 6.59 15.96 -22.13
C THR A 394 6.91 15.32 -20.78
N ASP A 395 7.28 14.04 -20.81
CA ASP A 395 7.49 13.25 -19.59
C ASP A 395 6.21 13.02 -18.76
N ARG A 396 5.06 13.35 -19.32
CA ARG A 396 3.79 13.16 -18.63
C ARG A 396 3.54 11.66 -18.45
N ILE A 397 3.18 11.25 -17.23
CA ILE A 397 2.83 9.85 -16.99
C ILE A 397 1.56 9.53 -17.78
N LEU A 398 1.65 8.49 -18.61
CA LEU A 398 0.51 8.05 -19.43
C LEU A 398 -0.17 6.81 -18.86
N GLY A 399 0.57 5.99 -18.13
CA GLY A 399 0.02 4.80 -17.51
C GLY A 399 0.99 4.12 -16.57
N VAL A 400 0.46 3.37 -15.60
CA VAL A 400 1.28 2.59 -14.69
C VAL A 400 0.65 1.20 -14.53
N HIS A 401 1.50 0.18 -14.57
CA HIS A 401 1.04 -1.19 -14.63
C HIS A 401 1.97 -2.08 -13.82
N GLY A 402 1.43 -3.10 -13.19
CA GLY A 402 2.27 -3.96 -12.40
C GLY A 402 1.67 -5.27 -12.02
N ILE A 403 2.53 -6.14 -11.53
CA ILE A 403 2.14 -7.39 -10.91
C ILE A 403 3.10 -7.67 -9.78
N GLY A 404 2.56 -8.03 -8.62
CA GLY A 404 3.36 -8.32 -7.44
C GLY A 404 2.56 -8.19 -6.17
N ALA A 405 3.20 -8.57 -5.08
CA ALA A 405 2.61 -8.48 -3.75
C ALA A 405 2.12 -7.05 -3.51
N ARG A 406 0.84 -6.92 -3.19
CA ARG A 406 0.23 -5.63 -2.84
C ARG A 406 0.37 -4.53 -3.92
N VAL A 407 0.51 -4.91 -5.18
CA VAL A 407 0.78 -3.92 -6.21
C VAL A 407 -0.38 -2.94 -6.36
N GLY A 408 -1.59 -3.39 -6.05
CA GLY A 408 -2.74 -2.51 -6.04
C GLY A 408 -2.60 -1.39 -5.02
N ASP A 409 -2.13 -1.71 -3.83
CA ASP A 409 -1.86 -0.71 -2.80
C ASP A 409 -0.79 0.28 -3.26
N VAL A 410 0.24 -0.23 -3.91
CA VAL A 410 1.31 0.62 -4.40
C VAL A 410 0.81 1.56 -5.50
N LEU A 411 -0.05 1.04 -6.38
CA LEU A 411 -0.49 1.83 -7.52
C LEU A 411 -1.61 2.82 -7.17
N ALA A 412 -2.08 2.82 -5.92
CA ALA A 412 -2.89 3.90 -5.40
C ALA A 412 -2.19 5.23 -5.61
N GLU A 413 -0.90 5.27 -5.31
CA GLU A 413 -0.06 6.43 -5.54
C GLU A 413 0.05 6.80 -7.02
N ALA A 414 0.13 5.79 -7.89
CA ALA A 414 0.23 5.99 -9.33
C ALA A 414 -1.03 6.63 -9.89
N ALA A 415 -2.17 6.18 -9.37
CA ALA A 415 -3.46 6.74 -9.76
C ALA A 415 -3.53 8.21 -9.37
N LEU A 416 -3.06 8.53 -8.16
CA LEU A 416 -2.99 9.91 -7.70
C LEU A 416 -2.09 10.73 -8.60
N ALA A 417 -0.92 10.19 -8.93
CA ALA A 417 0.00 10.89 -9.80
C ALA A 417 -0.66 11.22 -11.16
N LEU A 418 -1.38 10.26 -11.71
CA LEU A 418 -2.12 10.48 -12.97
C LEU A 418 -3.21 11.55 -12.83
N PHE A 419 -3.92 11.52 -11.71
CA PHE A 419 -4.94 12.52 -11.39
C PHE A 419 -4.33 13.91 -11.31
N PHE A 420 -3.09 13.98 -10.80
CA PHE A 420 -2.35 15.24 -10.69
C PHE A 420 -1.61 15.61 -11.98
N LYS A 421 -1.77 14.81 -13.03
CA LYS A 421 -1.13 15.05 -14.33
C LYS A 421 0.39 15.13 -14.17
N ALA A 422 0.89 14.25 -13.31
CA ALA A 422 2.30 14.25 -12.90
C ALA A 422 3.19 13.80 -14.03
N SER A 423 4.43 14.28 -14.00
CA SER A 423 5.49 13.75 -14.82
C SER A 423 6.14 12.58 -14.10
N ALA A 424 6.82 11.73 -14.87
CA ALA A 424 7.57 10.60 -14.31
C ALA A 424 8.66 11.10 -13.37
N GLU A 425 9.33 12.19 -13.77
CA GLU A 425 10.32 12.86 -12.95
C GLU A 425 9.77 13.25 -11.59
N ASP A 426 8.58 13.85 -11.55
CA ASP A 426 8.03 14.30 -10.27
C ASP A 426 7.65 13.14 -9.36
N LEU A 427 7.11 12.07 -9.93
CA LEU A 427 6.82 10.87 -9.15
C LEU A 427 8.12 10.29 -8.60
N GLY A 428 9.16 10.26 -9.43
CA GLY A 428 10.40 9.60 -9.07
C GLY A 428 11.23 10.40 -8.08
N ARG A 429 11.04 11.72 -8.08
CA ARG A 429 11.76 12.63 -7.18
C ARG A 429 11.08 12.74 -5.82
N ALA A 430 9.78 12.42 -5.75
CA ALA A 430 9.04 12.52 -4.50
C ALA A 430 9.62 11.55 -3.47
N PRO A 431 9.63 11.94 -2.20
CA PRO A 431 10.15 11.04 -1.16
C PRO A 431 9.34 9.78 -1.06
N HIS A 432 10.01 8.67 -0.85
CA HIS A 432 9.34 7.41 -0.58
C HIS A 432 10.02 6.73 0.58
N ALA A 433 9.21 6.28 1.54
CA ALA A 433 9.69 5.58 2.73
C ALA A 433 10.57 4.39 2.36
N HIS A 434 11.68 4.24 3.06
CA HIS A 434 12.52 3.06 2.96
C HIS A 434 12.42 2.25 4.26
N PRO A 435 12.31 0.91 4.21
CA PRO A 435 12.12 0.13 2.99
C PRO A 435 10.62 -0.11 2.75
N SER A 436 10.14 0.20 1.56
CA SER A 436 8.72 0.01 1.25
C SER A 436 8.54 -0.38 -0.20
N LEU A 437 7.43 -1.03 -0.49
CA LEU A 437 7.10 -1.44 -1.84
C LEU A 437 6.90 -0.22 -2.74
N SER A 438 6.54 0.93 -2.17
CA SER A 438 6.37 2.18 -2.95
C SER A 438 7.67 2.60 -3.64
N GLU A 439 8.81 2.22 -3.10
CA GLU A 439 10.07 2.51 -3.76
C GLU A 439 10.20 1.82 -5.13
N ILE A 440 9.47 0.73 -5.35
CA ILE A 440 9.44 0.07 -6.66
C ILE A 440 8.81 1.02 -7.69
N LEU A 441 7.71 1.67 -7.31
CA LEU A 441 7.08 2.66 -8.15
C LEU A 441 8.00 3.86 -8.40
N LYS A 442 8.67 4.32 -7.34
CA LYS A 442 9.60 5.44 -7.42
C LYS A 442 10.67 5.17 -8.47
N GLU A 443 11.31 4.00 -8.40
CA GLU A 443 12.41 3.66 -9.29
C GLU A 443 11.90 3.42 -10.71
N ALA A 444 10.72 2.82 -10.86
CA ALA A 444 10.11 2.64 -12.17
C ALA A 444 9.88 4.01 -12.82
N ALA A 445 9.43 4.98 -12.04
CA ALA A 445 9.15 6.32 -12.53
C ALA A 445 10.43 7.01 -12.96
N LEU A 446 11.47 6.92 -12.14
CA LEU A 446 12.79 7.46 -12.48
C LEU A 446 13.32 6.86 -13.77
N ALA A 447 13.15 5.54 -13.92
CA ALA A 447 13.59 4.82 -15.10
C ALA A 447 12.87 5.29 -16.37
N ALA A 448 11.60 5.67 -16.24
CA ALA A 448 10.83 6.18 -17.36
C ALA A 448 11.31 7.60 -17.70
N TRP A 449 11.58 8.38 -16.67
CA TRP A 449 12.02 9.76 -16.83
C TRP A 449 13.38 9.80 -17.53
N GLU A 450 14.34 9.13 -16.91
CA GLU A 450 15.71 9.11 -17.40
C GLU A 450 16.33 7.76 -17.02
N ARG A 451 16.78 7.65 -15.79
CA ARG A 451 17.36 6.41 -15.28
C ARG A 451 17.15 6.30 -13.78
N PRO A 452 16.97 5.08 -13.28
CA PRO A 452 16.81 4.86 -11.85
C PRO A 452 18.15 4.90 -11.14
N ILE A 453 18.12 4.89 -9.82
CA ILE A 453 19.33 4.77 -9.02
C ILE A 453 19.74 3.30 -8.86
N HIS A 454 18.76 2.43 -8.68
CA HIS A 454 19.01 1.06 -8.21
C HIS A 454 18.95 -0.03 -9.29
N LEU A 455 19.11 0.36 -10.56
CA LEU A 455 19.33 -0.61 -11.63
C LEU A 455 20.60 -0.29 -12.39
N MET B 1 42.73 13.60 -9.41
CA MET B 1 42.00 13.47 -8.12
C MET B 1 40.53 13.14 -8.41
N TYR B 2 39.79 12.85 -7.36
CA TYR B 2 38.34 12.64 -7.48
C TYR B 2 37.62 13.98 -7.67
N ASP B 3 36.53 13.99 -8.42
CA ASP B 3 35.61 15.12 -8.37
C ASP B 3 34.87 15.11 -7.03
N LEU B 4 34.45 13.93 -6.59
CA LEU B 4 33.75 13.76 -5.33
C LEU B 4 34.30 12.58 -4.53
N LEU B 5 34.66 12.84 -3.28
CA LEU B 5 35.00 11.79 -2.32
C LEU B 5 33.90 11.75 -1.27
N VAL B 6 33.27 10.59 -1.12
CA VAL B 6 32.18 10.40 -0.18
C VAL B 6 32.72 9.58 0.98
N ILE B 7 32.45 10.04 2.22
CA ILE B 7 32.85 9.30 3.40
C ILE B 7 31.59 8.68 3.99
N GLY B 8 31.51 7.36 3.90
CA GLY B 8 30.36 6.60 4.35
C GLY B 8 29.57 6.05 3.18
N ALA B 9 29.19 4.79 3.25
CA ALA B 9 28.44 4.12 2.17
C ALA B 9 27.06 3.64 2.62
N GLY B 10 26.45 4.39 3.54
CA GLY B 10 25.04 4.21 3.87
C GLY B 10 24.09 4.82 2.84
N PRO B 11 22.80 4.81 3.12
CA PRO B 11 21.81 5.39 2.20
C PRO B 11 22.18 6.78 1.68
N GLY B 12 22.76 7.61 2.56
CA GLY B 12 23.23 8.92 2.15
C GLY B 12 24.37 8.85 1.16
N GLY B 13 25.46 8.22 1.59
CA GLY B 13 26.67 8.17 0.79
C GLY B 13 26.56 7.37 -0.49
N TYR B 14 25.98 6.18 -0.43
CA TYR B 14 25.99 5.31 -1.59
C TYR B 14 25.04 5.82 -2.68
N VAL B 15 23.90 6.38 -2.27
CA VAL B 15 22.99 6.96 -3.26
C VAL B 15 23.58 8.23 -3.86
N ALA B 16 24.21 9.06 -3.03
CA ALA B 16 24.88 10.27 -3.51
C ALA B 16 25.95 9.89 -4.54
N ALA B 17 26.72 8.83 -4.26
CA ALA B 17 27.77 8.36 -5.16
C ALA B 17 27.22 7.94 -6.51
N ILE B 18 26.10 7.21 -6.52
CA ILE B 18 25.47 6.79 -7.77
C ILE B 18 24.95 8.01 -8.55
N ARG B 19 24.22 8.89 -7.88
CA ARG B 19 23.73 10.09 -8.53
C ARG B 19 24.86 10.94 -9.12
N ALA B 20 25.94 11.09 -8.35
CA ALA B 20 27.12 11.84 -8.77
C ALA B 20 27.73 11.26 -10.05
N ALA B 21 27.87 9.93 -10.08
CA ALA B 21 28.38 9.25 -11.28
C ALA B 21 27.45 9.48 -12.47
N GLN B 22 26.15 9.45 -12.23
CA GLN B 22 25.16 9.73 -13.26
C GLN B 22 25.31 11.14 -13.84
N LEU B 23 25.76 12.07 -13.00
CA LEU B 23 25.96 13.48 -13.38
C LEU B 23 27.35 13.73 -14.00
N GLY B 24 28.15 12.66 -14.06
CA GLY B 24 29.42 12.68 -14.75
C GLY B 24 30.62 12.95 -13.85
N MET B 25 30.44 12.87 -12.54
CA MET B 25 31.56 13.05 -11.63
C MET B 25 32.38 11.78 -11.51
N LYS B 26 33.68 11.95 -11.27
CA LYS B 26 34.56 10.86 -10.90
C LYS B 26 34.48 10.71 -9.38
N VAL B 27 34.02 9.56 -8.92
CA VAL B 27 33.64 9.38 -7.52
C VAL B 27 34.46 8.29 -6.83
N GLY B 28 34.93 8.60 -5.64
CA GLY B 28 35.47 7.62 -4.72
C GLY B 28 34.65 7.60 -3.43
N VAL B 29 34.56 6.44 -2.80
CA VAL B 29 33.83 6.27 -1.56
C VAL B 29 34.74 5.56 -0.55
N VAL B 30 34.85 6.12 0.65
CA VAL B 30 35.56 5.45 1.74
C VAL B 30 34.54 4.95 2.77
N GLU B 31 34.63 3.67 3.11
CA GLU B 31 33.75 3.03 4.08
C GLU B 31 34.59 2.09 4.94
N LYS B 32 34.49 2.24 6.26
CA LYS B 32 35.33 1.46 7.19
C LYS B 32 34.87 0.01 7.36
N GLU B 33 33.57 -0.24 7.33
CA GLU B 33 33.05 -1.61 7.39
C GLU B 33 33.28 -2.31 6.05
N LYS B 34 33.42 -3.64 6.09
CA LYS B 34 33.64 -4.41 4.87
C LYS B 34 32.48 -4.27 3.88
N ALA B 35 31.25 -4.35 4.37
CA ALA B 35 30.07 -4.34 3.52
C ALA B 35 29.56 -2.92 3.31
N LEU B 36 29.05 -2.65 2.11
CA LEU B 36 28.45 -1.37 1.79
C LEU B 36 26.99 -1.40 2.23
N GLY B 37 26.38 -0.23 2.30
CA GLY B 37 24.96 -0.10 2.63
C GLY B 37 24.68 0.59 3.95
N GLY B 38 25.72 0.77 4.74
CA GLY B 38 25.65 1.48 6.00
C GLY B 38 24.86 0.79 7.10
N THR B 39 24.48 1.60 8.10
CA THR B 39 23.65 1.14 9.20
C THR B 39 22.38 0.50 8.69
N CYS B 40 21.74 1.17 7.74
CA CYS B 40 20.45 0.73 7.23
C CYS B 40 20.48 -0.71 6.69
N LEU B 41 21.37 -0.99 5.75
CA LEU B 41 21.41 -2.31 5.12
C LEU B 41 22.04 -3.38 6.00
N ARG B 42 23.11 -3.03 6.72
CA ARG B 42 23.87 -4.02 7.49
C ARG B 42 23.21 -4.44 8.79
N VAL B 43 22.72 -3.45 9.55
CA VAL B 43 22.25 -3.65 10.92
C VAL B 43 21.06 -2.78 11.31
N GLY B 44 20.27 -2.37 10.31
CA GLY B 44 19.20 -1.41 10.50
C GLY B 44 17.90 -1.75 9.81
N CYS B 45 17.49 -0.89 8.87
CA CYS B 45 16.21 -1.04 8.18
C CYS B 45 15.99 -2.44 7.62
N ILE B 46 16.99 -2.97 6.91
CA ILE B 46 16.80 -4.20 6.16
C ILE B 46 16.67 -5.43 7.07
N PRO B 47 17.62 -5.69 7.96
CA PRO B 47 17.46 -6.83 8.87
C PRO B 47 16.21 -6.73 9.76
N SER B 48 15.89 -5.52 10.24
CA SER B 48 14.76 -5.35 11.15
C SER B 48 13.46 -5.59 10.41
N LYS B 49 13.35 -5.14 9.17
CA LYS B 49 12.12 -5.37 8.42
C LYS B 49 11.99 -6.85 8.04
N ALA B 50 13.11 -7.51 7.77
CA ALA B 50 13.09 -8.96 7.52
C ALA B 50 12.49 -9.71 8.71
N LEU B 51 12.92 -9.35 9.91
CA LEU B 51 12.44 -9.97 11.13
C LEU B 51 10.99 -9.60 11.40
N LEU B 52 10.64 -8.36 11.13
CA LEU B 52 9.27 -7.89 11.36
C LEU B 52 8.27 -8.55 10.43
N GLU B 53 8.59 -8.65 9.16
CA GLU B 53 7.65 -9.20 8.18
C GLU B 53 7.40 -10.68 8.48
N THR B 54 8.47 -11.41 8.75
CA THR B 54 8.39 -12.86 8.98
C THR B 54 7.74 -13.21 10.32
N THR B 55 8.10 -12.49 11.39
CA THR B 55 7.46 -12.72 12.69
C THR B 55 6.00 -12.31 12.66
N GLU B 56 5.63 -11.33 11.83
CA GLU B 56 4.22 -10.95 11.72
C GLU B 56 3.38 -12.13 11.25
N ARG B 57 3.85 -12.83 10.22
CA ARG B 57 3.13 -13.99 9.69
C ARG B 57 3.08 -15.13 10.71
N ILE B 58 4.18 -15.36 11.42
CA ILE B 58 4.22 -16.39 12.47
C ILE B 58 3.22 -16.04 13.57
N TYR B 59 3.18 -14.76 13.95
CA TYR B 59 2.36 -14.32 15.05
C TYR B 59 0.89 -14.46 14.71
N GLU B 60 0.53 -14.13 13.46
CA GLU B 60 -0.87 -14.25 13.04
C GLU B 60 -1.31 -15.71 13.08
N ALA B 61 -0.42 -16.61 12.66
CA ALA B 61 -0.73 -18.05 12.67
C ALA B 61 -0.92 -18.58 14.10
N LYS B 62 -0.13 -18.05 15.04
CA LYS B 62 -0.24 -18.42 16.45
C LYS B 62 -1.58 -17.98 17.04
N LYS B 63 -2.04 -16.79 16.67
CA LYS B 63 -3.29 -16.25 17.17
C LYS B 63 -4.52 -16.92 16.55
N GLY B 64 -4.36 -17.50 15.37
CA GLY B 64 -5.47 -18.09 14.64
C GLY B 64 -5.69 -17.38 13.32
N LEU B 65 -6.06 -18.13 12.28
CA LEU B 65 -6.40 -17.57 10.98
C LEU B 65 -7.89 -17.70 10.74
N LEU B 66 -8.52 -16.65 10.25
CA LEU B 66 -9.94 -16.67 9.94
C LEU B 66 -10.23 -17.78 8.92
N GLY B 67 -11.27 -18.57 9.15
CA GLY B 67 -11.65 -19.64 8.25
C GLY B 67 -10.77 -20.87 8.33
N ALA B 68 -10.02 -21.02 9.43
CA ALA B 68 -9.18 -22.21 9.60
C ALA B 68 -9.02 -22.61 11.06
N LYS B 69 -8.69 -23.88 11.25
CA LYS B 69 -8.22 -24.38 12.52
C LYS B 69 -6.72 -24.63 12.37
N VAL B 70 -5.94 -23.87 13.11
CA VAL B 70 -4.49 -23.90 13.02
C VAL B 70 -3.95 -24.50 14.31
N LYS B 71 -3.10 -25.51 14.17
CA LYS B 71 -2.43 -26.11 15.33
C LYS B 71 -1.34 -25.16 15.82
N GLY B 72 -0.58 -25.59 16.82
CA GLY B 72 0.50 -24.77 17.34
C GLY B 72 1.57 -24.58 16.31
N VAL B 73 2.25 -23.44 16.38
CA VAL B 73 3.32 -23.11 15.44
C VAL B 73 4.64 -23.13 16.20
N GLU B 74 5.62 -23.82 15.64
CA GLU B 74 6.91 -24.01 16.28
C GLU B 74 7.95 -23.10 15.64
N LEU B 75 8.58 -22.26 16.47
CA LEU B 75 9.62 -21.35 16.00
C LEU B 75 10.87 -22.10 15.56
N ASP B 76 11.45 -21.62 14.46
CA ASP B 76 12.72 -22.11 13.95
C ASP B 76 13.63 -20.88 13.83
N LEU B 77 14.31 -20.55 14.92
CA LEU B 77 15.11 -19.33 14.98
C LEU B 77 16.32 -19.33 14.04
N PRO B 78 17.02 -20.45 13.89
CA PRO B 78 18.06 -20.54 12.85
C PRO B 78 17.53 -20.25 11.45
N ALA B 79 16.32 -20.70 11.12
CA ALA B 79 15.73 -20.43 9.81
C ALA B 79 15.32 -18.96 9.69
N LEU B 80 14.79 -18.38 10.76
CA LEU B 80 14.40 -16.98 10.78
C LEU B 80 15.62 -16.08 10.54
N MET B 81 16.70 -16.39 11.23
CA MET B 81 17.94 -15.61 11.15
C MET B 81 18.66 -15.83 9.83
N ALA B 82 18.55 -17.03 9.27
CA ALA B 82 19.09 -17.31 7.94
C ALA B 82 18.43 -16.45 6.87
N HIS B 83 17.12 -16.29 6.97
CA HIS B 83 16.39 -15.47 6.01
C HIS B 83 16.89 -14.02 6.11
N LYS B 84 16.97 -13.52 7.35
CA LYS B 84 17.45 -12.17 7.63
C LYS B 84 18.80 -11.94 6.97
N ASP B 85 19.72 -12.89 7.19
CA ASP B 85 21.09 -12.77 6.69
C ASP B 85 21.13 -12.79 5.18
N LYS B 86 20.30 -13.64 4.58
CA LYS B 86 20.21 -13.77 3.13
C LYS B 86 19.70 -12.48 2.49
N VAL B 87 18.68 -11.87 3.10
CA VAL B 87 18.14 -10.61 2.62
C VAL B 87 19.21 -9.50 2.69
N VAL B 88 19.90 -9.41 3.83
CA VAL B 88 20.95 -8.40 4.03
C VAL B 88 22.05 -8.57 2.99
N GLN B 89 22.44 -9.81 2.76
CA GLN B 89 23.53 -10.13 1.84
C GLN B 89 23.16 -9.80 0.39
N ALA B 90 21.90 -10.01 0.00
CA ALA B 90 21.47 -9.66 -1.34
C ALA B 90 21.45 -8.14 -1.52
N ASN B 91 21.11 -7.43 -0.46
CA ASN B 91 21.06 -5.97 -0.50
C ASN B 91 22.44 -5.33 -0.57
N THR B 92 23.39 -5.81 0.24
CA THR B 92 24.75 -5.26 0.22
C THR B 92 25.49 -5.60 -1.07
N GLN B 93 25.26 -6.79 -1.61
CA GLN B 93 25.81 -7.17 -2.92
C GLN B 93 25.21 -6.33 -4.04
N GLY B 94 23.95 -5.95 -3.88
CA GLY B 94 23.31 -5.05 -4.82
C GLY B 94 24.01 -3.71 -4.89
N VAL B 95 24.47 -3.20 -3.75
CA VAL B 95 25.17 -1.92 -3.71
C VAL B 95 26.52 -2.08 -4.40
N GLU B 96 27.17 -3.22 -4.16
CA GLU B 96 28.46 -3.51 -4.80
C GLU B 96 28.30 -3.53 -6.33
N PHE B 97 27.25 -4.17 -6.79
CA PHE B 97 26.91 -4.25 -8.22
C PHE B 97 26.76 -2.85 -8.79
N LEU B 98 26.00 -2.00 -8.10
CA LEU B 98 25.72 -0.66 -8.59
C LEU B 98 26.97 0.24 -8.60
N PHE B 99 27.87 0.05 -7.64
CA PHE B 99 29.14 0.79 -7.59
C PHE B 99 29.98 0.41 -8.80
N LYS B 100 30.14 -0.88 -9.03
CA LYS B 100 30.89 -1.35 -10.19
C LYS B 100 30.23 -0.87 -11.50
N LYS B 101 28.91 -0.93 -11.57
CA LYS B 101 28.21 -0.51 -12.79
C LYS B 101 28.46 0.96 -13.09
N ASN B 102 28.44 1.78 -12.05
CA ASN B 102 28.55 3.23 -12.21
C ASN B 102 29.99 3.76 -12.16
N GLY B 103 30.96 2.86 -12.03
CA GLY B 103 32.37 3.25 -12.05
C GLY B 103 32.84 3.99 -10.81
N ILE B 104 32.17 3.74 -9.69
CA ILE B 104 32.53 4.30 -8.40
C ILE B 104 33.63 3.48 -7.75
N ALA B 105 34.72 4.16 -7.40
CA ALA B 105 35.84 3.53 -6.74
C ALA B 105 35.56 3.45 -5.24
N ARG B 106 35.96 2.34 -4.64
CA ARG B 106 35.74 2.11 -3.22
C ARG B 106 37.06 1.86 -2.51
N HIS B 107 37.18 2.44 -1.30
CA HIS B 107 38.33 2.28 -0.41
C HIS B 107 37.83 1.72 0.92
N GLN B 108 38.53 0.74 1.48
CA GLN B 108 38.17 0.19 2.79
C GLN B 108 39.10 0.71 3.88
N GLY B 109 38.52 1.44 4.82
CA GLY B 109 39.24 2.03 5.94
C GLY B 109 38.49 3.20 6.57
N THR B 110 39.05 3.73 7.65
CA THR B 110 38.54 4.94 8.29
C THR B 110 39.13 6.17 7.63
N ALA B 111 38.26 6.99 7.02
CA ALA B 111 38.63 8.31 6.52
C ALA B 111 38.90 9.27 7.68
N ARG B 112 39.92 10.10 7.50
CA ARG B 112 40.33 11.07 8.52
C ARG B 112 40.89 12.28 7.80
N PHE B 113 40.30 13.46 8.02
CA PHE B 113 40.72 14.67 7.35
C PHE B 113 42.18 15.02 7.71
N LEU B 114 42.98 15.29 6.68
CA LEU B 114 44.32 15.87 6.83
C LEU B 114 44.29 17.37 6.59
N SER B 115 43.42 17.79 5.66
CA SER B 115 43.15 19.19 5.36
C SER B 115 41.74 19.32 4.80
N GLU B 116 41.35 20.53 4.39
CA GLU B 116 40.02 20.73 3.78
C GLU B 116 39.83 19.99 2.45
N ARG B 117 40.93 19.56 1.83
CA ARG B 117 40.89 18.90 0.52
C ARG B 117 41.45 17.46 0.49
N LYS B 118 42.09 17.02 1.57
CA LYS B 118 42.76 15.71 1.59
C LYS B 118 42.30 14.86 2.77
N VAL B 119 42.13 13.57 2.51
CA VAL B 119 41.60 12.63 3.48
C VAL B 119 42.46 11.38 3.50
N LEU B 120 42.89 10.97 4.69
CA LEU B 120 43.68 9.76 4.86
C LEU B 120 42.79 8.56 5.08
N VAL B 121 42.97 7.52 4.28
CA VAL B 121 42.37 6.22 4.55
C VAL B 121 43.38 5.47 5.40
N GLU B 122 43.17 5.48 6.71
CA GLU B 122 44.19 5.04 7.65
C GLU B 122 44.75 3.63 7.40
N GLU B 123 43.88 2.70 7.05
CA GLU B 123 44.28 1.28 6.96
C GLU B 123 45.01 0.92 5.65
N THR B 124 44.85 1.72 4.60
CA THR B 124 45.62 1.55 3.36
C THR B 124 46.73 2.59 3.20
N GLY B 125 46.76 3.59 4.08
CA GLY B 125 47.71 4.68 3.98
C GLY B 125 47.50 5.66 2.82
N GLU B 126 46.40 5.51 2.08
CA GLU B 126 46.15 6.35 0.91
C GLU B 126 45.75 7.76 1.32
N GLU B 127 46.36 8.75 0.68
CA GLU B 127 45.95 10.14 0.83
C GLU B 127 45.14 10.52 -0.40
N LEU B 128 43.85 10.76 -0.18
CA LEU B 128 42.89 10.97 -1.26
C LEU B 128 42.53 12.43 -1.34
N GLU B 129 42.51 12.96 -2.56
CA GLU B 129 42.15 14.34 -2.83
C GLU B 129 40.84 14.39 -3.59
N ALA B 130 40.08 15.47 -3.39
CA ALA B 130 38.86 15.68 -4.16
C ALA B 130 38.48 17.15 -4.25
N ARG B 131 37.75 17.49 -5.31
CA ARG B 131 37.21 18.83 -5.48
C ARG B 131 36.09 19.06 -4.47
N TYR B 132 35.23 18.05 -4.29
CA TYR B 132 34.13 18.07 -3.34
C TYR B 132 34.23 16.89 -2.40
N ILE B 133 33.94 17.10 -1.12
CA ILE B 133 33.91 16.01 -0.15
C ILE B 133 32.53 15.98 0.50
N LEU B 134 31.98 14.77 0.65
CA LEU B 134 30.65 14.59 1.20
C LEU B 134 30.77 13.72 2.43
N ILE B 135 30.47 14.29 3.59
CA ILE B 135 30.50 13.58 4.85
C ILE B 135 29.16 12.94 5.09
N ALA B 136 29.11 11.61 5.05
CA ALA B 136 27.89 10.84 5.27
C ALA B 136 28.19 9.72 6.26
N THR B 137 28.73 10.09 7.41
CA THR B 137 29.23 9.14 8.41
C THR B 137 28.16 8.55 9.36
N GLY B 138 26.94 9.06 9.26
CA GLY B 138 25.81 8.44 9.93
C GLY B 138 25.73 8.71 11.42
N SER B 139 25.24 7.71 12.15
CA SER B 139 25.11 7.79 13.59
C SER B 139 25.54 6.50 14.26
N ALA B 140 25.49 6.48 15.59
CA ALA B 140 25.76 5.29 16.37
C ALA B 140 24.75 5.26 17.53
N PRO B 141 24.53 4.11 18.14
CA PRO B 141 23.64 4.06 19.30
C PRO B 141 24.12 4.98 20.42
N LEU B 142 23.18 5.69 21.03
CA LEU B 142 23.45 6.52 22.19
C LEU B 142 23.50 5.59 23.40
N ILE B 143 24.65 5.57 24.06
CA ILE B 143 24.83 4.77 25.27
C ILE B 143 25.11 5.74 26.42
N PRO B 144 24.09 6.04 27.21
CA PRO B 144 24.28 6.89 28.39
C PRO B 144 25.28 6.27 29.37
N PRO B 145 26.03 7.07 30.13
CA PRO B 145 27.03 6.53 31.06
C PRO B 145 26.49 5.51 32.07
N TRP B 146 25.22 5.62 32.43
CA TRP B 146 24.59 4.71 33.40
C TRP B 146 24.25 3.33 32.82
N ALA B 147 24.28 3.21 31.50
CA ALA B 147 24.03 1.95 30.81
C ALA B 147 25.34 1.21 30.54
N GLN B 148 25.56 0.10 31.25
CA GLN B 148 26.78 -0.70 31.11
C GLN B 148 26.58 -1.77 30.04
N VAL B 149 26.73 -1.34 28.80
CA VAL B 149 26.53 -2.21 27.64
C VAL B 149 27.73 -3.14 27.47
N ASP B 150 27.50 -4.44 27.60
CA ASP B 150 28.54 -5.45 27.39
C ASP B 150 28.35 -6.19 26.06
N TYR B 151 27.35 -5.78 25.27
CA TYR B 151 27.05 -6.37 23.97
C TYR B 151 26.69 -7.86 24.02
N GLU B 152 26.23 -8.32 25.18
CA GLU B 152 25.79 -9.70 25.36
C GLU B 152 24.47 -9.73 26.11
N ARG B 153 24.48 -9.31 27.38
CA ARG B 153 23.29 -9.24 28.20
C ARG B 153 22.61 -7.87 28.13
N VAL B 154 23.40 -6.80 28.10
CA VAL B 154 22.89 -5.45 27.89
C VAL B 154 23.41 -4.99 26.54
N VAL B 155 22.49 -4.75 25.59
CA VAL B 155 22.86 -4.68 24.19
C VAL B 155 22.33 -3.46 23.47
N THR B 156 22.81 -3.25 22.25
CA THR B 156 22.22 -2.28 21.33
C THR B 156 21.36 -3.02 20.32
N SER B 157 20.78 -2.24 19.40
CA SER B 157 19.93 -2.79 18.35
C SER B 157 20.63 -3.86 17.55
N THR B 158 21.93 -3.70 17.31
CA THR B 158 22.67 -4.65 16.51
C THR B 158 22.61 -6.07 17.07
N GLU B 159 22.78 -6.21 18.38
CA GLU B 159 22.79 -7.54 19.00
C GLU B 159 21.36 -8.06 19.15
N ALA B 160 20.43 -7.13 19.32
CA ALA B 160 19.01 -7.49 19.45
C ALA B 160 18.43 -8.05 18.14
N LEU B 161 19.12 -7.83 17.02
CA LEU B 161 18.72 -8.43 15.75
C LEU B 161 19.12 -9.91 15.66
N SER B 162 19.98 -10.36 16.58
CA SER B 162 20.63 -11.66 16.46
C SER B 162 20.70 -12.47 17.76
N PHE B 163 19.81 -12.22 18.72
CA PHE B 163 19.82 -12.98 19.98
C PHE B 163 19.88 -14.47 19.64
N PRO B 164 20.70 -15.25 20.37
CA PRO B 164 20.90 -16.67 20.07
C PRO B 164 19.67 -17.54 20.39
N GLU B 165 18.86 -17.10 21.35
CA GLU B 165 17.56 -17.69 21.61
C GLU B 165 16.58 -16.59 21.98
N VAL B 166 15.30 -16.94 22.03
CA VAL B 166 14.29 -15.98 22.46
C VAL B 166 14.47 -15.71 23.96
N PRO B 167 14.68 -14.46 24.36
CA PRO B 167 14.82 -14.15 25.78
C PRO B 167 13.49 -14.34 26.48
N LYS B 168 13.48 -15.02 27.63
CA LYS B 168 12.24 -15.20 28.37
C LYS B 168 11.67 -13.85 28.76
N ARG B 169 12.54 -12.96 29.24
CA ARG B 169 12.19 -11.58 29.56
C ARG B 169 13.17 -10.64 28.84
N LEU B 170 12.63 -9.70 28.08
CA LEU B 170 13.42 -8.65 27.45
C LEU B 170 12.92 -7.31 27.95
N ILE B 171 13.83 -6.43 28.35
CA ILE B 171 13.47 -5.05 28.67
C ILE B 171 14.06 -4.16 27.60
N VAL B 172 13.23 -3.29 27.04
CA VAL B 172 13.69 -2.28 26.10
C VAL B 172 13.67 -0.91 26.80
N VAL B 173 14.84 -0.30 26.91
CA VAL B 173 15.00 1.03 27.48
C VAL B 173 14.95 2.01 26.32
N GLY B 174 13.81 2.68 26.19
CA GLY B 174 13.57 3.66 25.15
C GLY B 174 12.34 3.27 24.32
N GLY B 175 11.39 4.19 24.22
CA GLY B 175 10.14 3.94 23.53
C GLY B 175 10.06 4.55 22.15
N GLY B 176 11.20 4.70 21.49
CA GLY B 176 11.24 5.17 20.12
C GLY B 176 11.03 4.04 19.12
N VAL B 177 11.13 4.39 17.84
CA VAL B 177 10.81 3.47 16.76
C VAL B 177 11.63 2.18 16.83
N ILE B 178 12.95 2.31 16.97
CA ILE B 178 13.82 1.14 16.88
C ILE B 178 13.56 0.15 18.01
N GLY B 179 13.43 0.66 19.23
CA GLY B 179 13.19 -0.19 20.40
C GLY B 179 11.85 -0.87 20.35
N LEU B 180 10.82 -0.16 19.94
CA LEU B 180 9.47 -0.70 19.87
C LEU B 180 9.41 -1.81 18.82
N GLU B 181 9.97 -1.55 17.64
CA GLU B 181 10.05 -2.55 16.58
C GLU B 181 10.72 -3.82 17.06
N LEU B 182 11.87 -3.70 17.71
CA LEU B 182 12.58 -4.89 18.18
C LEU B 182 11.87 -5.55 19.36
N GLY B 183 11.24 -4.75 20.22
CA GLY B 183 10.42 -5.29 21.29
C GLY B 183 9.30 -6.16 20.74
N VAL B 184 8.61 -5.66 19.70
CA VAL B 184 7.55 -6.41 19.05
C VAL B 184 8.07 -7.71 18.39
N VAL B 185 9.25 -7.68 17.79
CA VAL B 185 9.78 -8.87 17.11
C VAL B 185 9.92 -10.01 18.12
N TRP B 186 10.55 -9.73 19.25
CA TRP B 186 10.80 -10.76 20.25
C TRP B 186 9.53 -11.15 21.01
N HIS B 187 8.63 -10.20 21.20
CA HIS B 187 7.34 -10.49 21.82
C HIS B 187 6.56 -11.51 21.00
N ARG B 188 6.57 -11.35 19.68
CA ARG B 188 5.91 -12.30 18.79
C ARG B 188 6.48 -13.70 18.92
N LEU B 189 7.78 -13.78 19.23
CA LEU B 189 8.45 -15.07 19.40
C LEU B 189 8.39 -15.63 20.83
N GLY B 190 7.67 -14.96 21.73
CA GLY B 190 7.35 -15.50 23.04
C GLY B 190 7.96 -14.79 24.22
N ALA B 191 8.80 -13.78 23.95
CA ALA B 191 9.41 -12.99 25.00
C ALA B 191 8.36 -12.15 25.76
N GLU B 192 8.55 -12.08 27.07
CA GLU B 192 7.87 -11.10 27.91
C GLU B 192 8.63 -9.79 27.78
N VAL B 193 8.00 -8.80 27.17
CA VAL B 193 8.67 -7.56 26.82
C VAL B 193 8.12 -6.39 27.62
N ILE B 194 9.02 -5.60 28.19
CA ILE B 194 8.67 -4.38 28.89
C ILE B 194 9.42 -3.24 28.23
N VAL B 195 8.70 -2.18 27.90
CA VAL B 195 9.27 -0.99 27.28
C VAL B 195 9.20 0.16 28.29
N LEU B 196 10.36 0.75 28.61
CA LEU B 196 10.46 1.85 29.55
C LEU B 196 10.83 3.12 28.80
N GLU B 197 10.04 4.19 29.01
CA GLU B 197 10.30 5.48 28.38
C GLU B 197 10.24 6.60 29.41
N TYR B 198 11.21 7.51 29.33
CA TYR B 198 11.28 8.68 30.23
C TYR B 198 10.16 9.69 29.95
N MET B 199 9.95 9.99 28.67
CA MET B 199 8.89 10.92 28.27
C MET B 199 7.51 10.32 28.57
N ASP B 200 6.48 11.16 28.48
CA ASP B 200 5.11 10.76 28.85
C ASP B 200 4.33 10.08 27.70
N ARG B 201 5.06 9.60 26.71
CA ARG B 201 4.51 9.01 25.50
C ARG B 201 5.59 8.21 24.80
N ILE B 202 5.19 7.19 24.05
CA ILE B 202 6.09 6.51 23.14
C ILE B 202 6.03 7.15 21.77
N LEU B 203 7.00 6.81 20.93
CA LEU B 203 7.07 7.27 19.55
C LEU B 203 6.90 8.79 19.46
N PRO B 204 7.83 9.53 20.06
CA PRO B 204 7.69 10.99 20.21
C PRO B 204 7.68 11.80 18.92
N THR B 205 8.06 11.23 17.77
CA THR B 205 8.04 11.96 16.50
C THR B 205 6.68 11.84 15.82
N MET B 206 5.82 10.97 16.34
CA MET B 206 4.49 10.80 15.77
C MET B 206 3.57 11.89 16.28
N ASP B 207 2.42 12.02 15.65
CA ASP B 207 1.34 12.87 16.15
C ASP B 207 0.89 12.27 17.49
N LEU B 208 0.50 13.12 18.45
CA LEU B 208 0.28 12.66 19.81
C LEU B 208 -0.89 11.68 19.88
N GLU B 209 -1.93 11.93 19.11
CA GLU B 209 -3.05 11.00 18.99
C GLU B 209 -2.60 9.62 18.52
N VAL B 210 -1.66 9.58 17.59
CA VAL B 210 -1.12 8.33 17.05
C VAL B 210 -0.24 7.60 18.08
N SER B 211 0.61 8.34 18.79
CA SER B 211 1.41 7.79 19.88
C SER B 211 0.52 7.12 20.93
N ARG B 212 -0.59 7.76 21.28
CA ARG B 212 -1.50 7.26 22.30
C ARG B 212 -2.17 5.96 21.83
N ALA B 213 -2.61 5.95 20.58
CA ALA B 213 -3.22 4.77 19.99
C ALA B 213 -2.22 3.62 19.91
N ALA B 214 -0.99 3.92 19.55
CA ALA B 214 0.06 2.91 19.49
C ALA B 214 0.25 2.25 20.85
N GLU B 215 0.33 3.06 21.91
CA GLU B 215 0.53 2.53 23.26
C GLU B 215 -0.61 1.57 23.63
N ARG B 216 -1.84 1.96 23.29
CA ARG B 216 -3.01 1.12 23.57
C ARG B 216 -2.96 -0.22 22.83
N VAL B 217 -2.51 -0.17 21.58
CA VAL B 217 -2.50 -1.36 20.73
C VAL B 217 -1.44 -2.35 21.20
N PHE B 218 -0.26 -1.85 21.55
CA PHE B 218 0.82 -2.74 21.93
C PHE B 218 0.59 -3.33 23.32
N LYS B 219 -0.03 -2.56 24.21
CA LYS B 219 -0.45 -3.09 25.50
C LYS B 219 -1.47 -4.22 25.30
N LYS B 220 -2.41 -4.01 24.38
CA LYS B 220 -3.42 -5.03 24.10
C LYS B 220 -2.80 -6.28 23.47
N GLN B 221 -1.73 -6.11 22.70
CA GLN B 221 -1.02 -7.26 22.15
C GLN B 221 -0.26 -8.04 23.23
N GLY B 222 0.11 -7.35 24.32
CA GLY B 222 0.74 -8.00 25.46
C GLY B 222 2.07 -7.43 25.90
N LEU B 223 2.53 -6.35 25.26
CA LEU B 223 3.72 -5.64 25.73
C LEU B 223 3.35 -4.84 26.99
N THR B 224 4.27 -4.80 27.95
CA THR B 224 4.16 -3.85 29.04
C THR B 224 4.85 -2.58 28.57
N ILE B 225 4.14 -1.47 28.61
CA ILE B 225 4.71 -0.17 28.27
C ILE B 225 4.53 0.78 29.44
N ARG B 226 5.65 1.29 29.95
CA ARG B 226 5.64 2.19 31.08
C ARG B 226 6.30 3.49 30.67
N THR B 227 5.51 4.55 30.58
CA THR B 227 6.03 5.89 30.31
C THR B 227 6.23 6.66 31.62
N GLY B 228 6.95 7.78 31.54
CA GLY B 228 7.15 8.63 32.69
C GLY B 228 8.09 8.04 33.72
N VAL B 229 8.99 7.16 33.29
CA VAL B 229 9.93 6.48 34.17
C VAL B 229 11.37 6.74 33.75
N ARG B 230 12.20 7.13 34.71
CA ARG B 230 13.61 7.36 34.44
C ARG B 230 14.45 6.18 34.91
N VAL B 231 15.07 5.50 33.95
CA VAL B 231 16.03 4.46 34.23
C VAL B 231 17.31 5.15 34.69
N THR B 232 17.86 4.69 35.82
CA THR B 232 19.07 5.28 36.41
C THR B 232 20.29 4.39 36.27
N ALA B 233 20.10 3.09 36.03
CA ALA B 233 21.19 2.17 35.77
C ALA B 233 20.75 0.91 35.02
N VAL B 234 21.63 0.41 34.17
CA VAL B 234 21.47 -0.91 33.57
C VAL B 234 22.79 -1.62 33.73
N VAL B 235 22.78 -2.79 34.38
CA VAL B 235 24.00 -3.50 34.71
C VAL B 235 23.88 -4.98 34.33
N PRO B 236 24.86 -5.50 33.58
CA PRO B 236 24.90 -6.95 33.34
C PRO B 236 25.08 -7.74 34.66
N GLU B 237 24.38 -8.87 34.73
CA GLU B 237 24.56 -9.85 35.79
C GLU B 237 25.03 -11.16 35.14
N ALA B 238 25.14 -12.22 35.94
CA ALA B 238 25.72 -13.48 35.48
C ALA B 238 24.94 -14.13 34.34
N LYS B 239 23.62 -14.23 34.50
CA LYS B 239 22.75 -14.89 33.51
C LYS B 239 21.60 -13.97 33.12
N GLY B 240 21.86 -12.67 33.12
CA GLY B 240 20.82 -11.70 32.88
C GLY B 240 21.32 -10.27 33.02
N ALA B 241 20.43 -9.39 33.47
CA ALA B 241 20.73 -7.97 33.64
C ALA B 241 19.64 -7.32 34.48
N ARG B 242 20.00 -6.27 35.21
CA ARG B 242 19.00 -5.52 35.96
C ARG B 242 18.88 -4.09 35.41
N VAL B 243 17.69 -3.53 35.55
CA VAL B 243 17.42 -2.15 35.20
C VAL B 243 16.91 -1.48 36.46
N GLU B 244 17.63 -0.47 36.94
CA GLU B 244 17.21 0.27 38.12
C GLU B 244 16.49 1.52 37.67
N LEU B 245 15.39 1.85 38.34
CA LEU B 245 14.61 3.05 38.08
C LEU B 245 14.80 4.05 39.22
N GLU B 246 14.54 5.32 38.93
CA GLU B 246 14.61 6.36 39.96
C GLU B 246 13.59 6.05 41.04
N GLY B 247 14.03 6.08 42.30
CA GLY B 247 13.17 5.75 43.42
C GLY B 247 13.36 4.35 43.98
N GLY B 248 14.17 3.52 43.32
CA GLY B 248 14.62 2.26 43.90
C GLY B 248 14.12 0.97 43.28
N GLU B 249 13.10 1.03 42.42
CA GLU B 249 12.58 -0.16 41.76
C GLU B 249 13.65 -0.81 40.88
N VAL B 250 13.75 -2.13 40.95
CA VAL B 250 14.70 -2.90 40.17
C VAL B 250 13.97 -3.97 39.35
N LEU B 251 14.16 -3.93 38.04
CA LEU B 251 13.63 -4.96 37.14
C LEU B 251 14.75 -5.88 36.74
N GLU B 252 14.42 -7.14 36.47
CA GLU B 252 15.38 -8.12 36.02
C GLU B 252 14.91 -8.76 34.72
N ALA B 253 15.86 -9.09 33.85
CA ALA B 253 15.56 -9.67 32.55
C ALA B 253 16.72 -10.47 32.01
N ASP B 254 16.45 -11.32 31.03
CA ASP B 254 17.50 -12.11 30.39
C ASP B 254 18.36 -11.25 29.47
N ARG B 255 17.72 -10.30 28.79
CA ARG B 255 18.41 -9.33 27.96
C ARG B 255 17.79 -7.95 28.16
N VAL B 256 18.61 -6.92 28.02
CA VAL B 256 18.13 -5.55 28.05
C VAL B 256 18.63 -4.87 26.78
N LEU B 257 17.73 -4.30 26.02
CA LEU B 257 18.08 -3.50 24.84
C LEU B 257 18.07 -2.04 25.21
N VAL B 258 19.22 -1.39 25.08
CA VAL B 258 19.33 0.04 25.29
C VAL B 258 19.14 0.74 23.94
N ALA B 259 17.97 1.34 23.75
CA ALA B 259 17.62 2.03 22.51
C ALA B 259 17.01 3.39 22.83
N VAL B 260 17.81 4.24 23.47
CA VAL B 260 17.34 5.57 23.89
C VAL B 260 17.63 6.67 22.86
N GLY B 261 18.15 6.28 21.70
CA GLY B 261 18.41 7.22 20.62
C GLY B 261 19.69 6.88 19.89
N ARG B 262 19.99 7.68 18.87
CA ARG B 262 21.25 7.60 18.15
C ARG B 262 21.88 8.97 18.05
N ARG B 263 23.20 8.99 18.01
CA ARG B 263 23.99 10.21 18.05
C ARG B 263 24.78 10.33 16.74
N PRO B 264 24.83 11.53 16.16
CA PRO B 264 25.64 11.75 14.96
C PRO B 264 27.06 11.26 15.18
N TYR B 265 27.61 10.55 14.21
CA TYR B 265 28.90 9.88 14.37
C TYR B 265 29.98 10.53 13.50
N THR B 266 31.00 11.07 14.17
CA THR B 266 32.15 11.67 13.50
C THR B 266 33.46 11.24 14.16
N GLU B 267 33.45 10.13 14.90
CA GLU B 267 34.66 9.68 15.59
C GLU B 267 35.73 9.22 14.59
N GLY B 268 36.96 9.66 14.81
CA GLY B 268 38.10 9.31 13.96
C GLY B 268 38.22 10.13 12.70
N LEU B 269 37.33 11.09 12.50
CA LEU B 269 37.26 11.84 11.27
C LEU B 269 38.20 13.06 11.26
N SER B 270 38.63 13.49 12.44
CA SER B 270 39.41 14.70 12.61
C SER B 270 38.82 15.85 11.80
N LEU B 271 37.55 16.16 12.09
CA LEU B 271 36.83 17.25 11.43
C LEU B 271 37.56 18.58 11.51
N GLU B 272 38.25 18.80 12.62
CA GLU B 272 38.98 20.04 12.85
C GLU B 272 40.04 20.34 11.79
N ASN B 273 40.64 19.30 11.22
CA ASN B 273 41.59 19.45 10.12
C ASN B 273 40.96 19.96 8.82
N ALA B 274 39.65 19.79 8.68
CA ALA B 274 38.90 20.38 7.57
C ALA B 274 38.39 21.79 7.88
N GLY B 275 38.71 22.31 9.06
CA GLY B 275 38.21 23.60 9.52
C GLY B 275 36.75 23.52 9.97
N LEU B 276 36.35 22.35 10.45
CA LEU B 276 34.95 22.09 10.79
C LEU B 276 34.78 21.65 12.24
N SER B 277 33.57 21.85 12.75
CA SER B 277 33.24 21.44 14.11
C SER B 277 31.79 20.96 14.19
N THR B 278 31.48 20.32 15.30
CA THR B 278 30.14 19.79 15.56
C THR B 278 29.46 20.68 16.59
N ASP B 279 28.13 20.78 16.48
CA ASP B 279 27.37 21.53 17.46
C ASP B 279 27.20 20.71 18.75
N GLU B 280 26.30 21.15 19.62
CA GLU B 280 26.20 20.58 20.96
C GLU B 280 25.69 19.14 20.92
N ARG B 281 24.90 18.81 19.90
CA ARG B 281 24.37 17.45 19.73
C ARG B 281 25.29 16.51 18.94
N GLY B 282 26.43 17.01 18.50
CA GLY B 282 27.35 16.24 17.67
C GLY B 282 27.11 16.34 16.18
N ARG B 283 26.11 17.13 15.76
CA ARG B 283 25.80 17.31 14.35
C ARG B 283 26.81 18.22 13.65
N ILE B 284 26.97 18.02 12.34
CA ILE B 284 27.71 18.96 11.50
C ILE B 284 26.73 19.97 10.95
N PRO B 285 26.86 21.24 11.33
CA PRO B 285 25.97 22.28 10.83
C PRO B 285 26.08 22.43 9.32
N VAL B 286 24.94 22.57 8.66
CA VAL B 286 24.90 22.77 7.22
C VAL B 286 23.85 23.82 6.85
N ASP B 287 23.98 24.40 5.66
CA ASP B 287 23.03 25.39 5.15
C ASP B 287 21.95 24.68 4.35
N GLU B 288 21.11 25.45 3.64
CA GLU B 288 19.94 24.88 2.97
C GLU B 288 20.27 24.06 1.73
N HIS B 289 21.53 24.14 1.28
CA HIS B 289 22.04 23.29 0.20
C HIS B 289 22.94 22.15 0.71
N LEU B 290 22.97 21.97 2.03
CA LEU B 290 23.71 20.90 2.70
C LEU B 290 25.24 21.12 2.71
N ARG B 291 25.68 22.34 2.42
CA ARG B 291 27.09 22.72 2.56
C ARG B 291 27.45 23.03 4.01
N THR B 292 28.60 22.54 4.45
CA THR B 292 29.19 22.98 5.72
C THR B 292 29.71 24.40 5.54
N ARG B 293 30.34 24.95 6.57
CA ARG B 293 30.90 26.30 6.49
C ARG B 293 32.12 26.38 5.55
N VAL B 294 32.68 25.22 5.21
CA VAL B 294 33.66 25.09 4.13
C VAL B 294 32.87 24.66 2.90
N PRO B 295 32.66 25.58 1.95
CA PRO B 295 31.61 25.41 0.94
C PRO B 295 31.75 24.23 -0.05
N HIS B 296 32.95 23.66 -0.21
CA HIS B 296 33.10 22.47 -1.03
C HIS B 296 32.95 21.15 -0.24
N ILE B 297 32.70 21.26 1.07
CA ILE B 297 32.44 20.08 1.89
C ILE B 297 30.97 20.10 2.30
N TYR B 298 30.28 19.00 2.01
CA TYR B 298 28.84 18.87 2.27
C TYR B 298 28.69 17.79 3.32
N ALA B 299 27.56 17.78 4.02
CA ALA B 299 27.27 16.74 4.98
C ALA B 299 25.78 16.43 4.95
N ILE B 300 25.45 15.17 5.15
CA ILE B 300 24.08 14.68 4.94
C ILE B 300 23.74 13.56 5.88
N GLY B 301 22.47 13.18 5.90
CA GLY B 301 22.01 12.02 6.63
C GLY B 301 21.99 12.19 8.14
N ASP B 302 22.22 11.08 8.85
CA ASP B 302 22.18 11.07 10.31
C ASP B 302 23.20 11.99 10.97
N VAL B 303 24.27 12.36 10.27
CA VAL B 303 25.28 13.23 10.86
C VAL B 303 24.87 14.72 10.90
N VAL B 304 23.76 15.07 10.23
CA VAL B 304 23.24 16.44 10.23
C VAL B 304 21.81 16.50 10.79
N ARG B 305 21.29 17.72 10.94
CA ARG B 305 19.96 17.93 11.51
C ARG B 305 18.88 17.25 10.68
N GLY B 306 17.74 16.98 11.31
CA GLY B 306 16.60 16.41 10.62
C GLY B 306 16.33 14.99 11.04
N PRO B 307 15.19 14.44 10.60
CA PRO B 307 14.83 13.05 10.92
C PRO B 307 15.88 12.05 10.48
N MET B 308 16.26 11.15 11.39
CA MET B 308 17.29 10.16 11.13
C MET B 308 16.66 8.96 10.45
N LEU B 309 16.42 9.14 9.15
CA LEU B 309 15.79 8.14 8.31
C LEU B 309 16.60 7.90 7.06
N ALA B 310 16.53 6.68 6.54
CA ALA B 310 17.30 6.28 5.38
C ALA B 310 16.94 7.08 4.13
N HIS B 311 15.64 7.22 3.86
CA HIS B 311 15.24 8.00 2.67
C HIS B 311 15.50 9.50 2.84
N LYS B 312 15.58 9.99 4.07
CA LYS B 312 15.94 11.38 4.33
C LYS B 312 17.41 11.54 3.93
N ALA B 313 18.25 10.62 4.38
CA ALA B 313 19.67 10.61 4.01
C ALA B 313 19.89 10.55 2.50
N SER B 314 19.26 9.59 1.82
CA SER B 314 19.43 9.45 0.38
C SER B 314 18.93 10.67 -0.40
N GLU B 315 17.81 11.25 0.05
CA GLU B 315 17.31 12.47 -0.62
C GLU B 315 18.27 13.64 -0.48
N GLU B 316 18.92 13.74 0.69
CA GLU B 316 19.90 14.79 0.93
C GLU B 316 21.15 14.51 0.11
N GLY B 317 21.47 13.23 -0.08
CA GLY B 317 22.57 12.83 -0.92
C GLY B 317 22.35 13.28 -2.35
N ILE B 318 21.14 13.07 -2.87
CA ILE B 318 20.83 13.48 -4.24
C ILE B 318 20.93 15.00 -4.36
N ALA B 319 20.40 15.71 -3.36
CA ALA B 319 20.32 17.17 -3.38
C ALA B 319 21.71 17.79 -3.32
N ALA B 320 22.58 17.19 -2.51
CA ALA B 320 23.94 17.69 -2.34
C ALA B 320 24.72 17.61 -3.65
N VAL B 321 24.65 16.47 -4.31
CA VAL B 321 25.43 16.27 -5.54
C VAL B 321 24.85 17.05 -6.71
N GLU B 322 23.54 17.25 -6.71
CA GLU B 322 22.91 18.08 -7.73
C GLU B 322 23.27 19.55 -7.53
N HIS B 323 23.51 19.95 -6.28
CA HIS B 323 24.07 21.27 -6.00
C HIS B 323 25.53 21.39 -6.43
N MET B 324 26.32 20.34 -6.23
CA MET B 324 27.73 20.38 -6.64
C MET B 324 27.86 20.63 -8.13
N VAL B 325 27.05 19.91 -8.90
CA VAL B 325 27.19 19.86 -10.35
C VAL B 325 26.43 21.00 -11.02
N ARG B 326 25.18 21.20 -10.62
CA ARG B 326 24.27 22.12 -11.29
C ARG B 326 23.94 23.39 -10.50
N GLY B 327 24.24 23.39 -9.20
CA GLY B 327 23.90 24.49 -8.32
C GLY B 327 22.43 24.49 -7.93
N PHE B 328 21.75 23.37 -8.18
CA PHE B 328 20.33 23.19 -7.87
C PHE B 328 20.21 22.27 -6.64
N GLY B 329 19.26 21.34 -6.66
CA GLY B 329 19.09 20.41 -5.55
C GLY B 329 18.05 20.88 -4.55
N HIS B 330 17.21 19.95 -4.11
CA HIS B 330 16.14 20.29 -3.19
C HIS B 330 15.67 19.07 -2.41
N VAL B 331 15.33 19.28 -1.15
CA VAL B 331 14.73 18.25 -0.31
C VAL B 331 13.43 18.78 0.27
N ASP B 332 12.35 18.03 0.08
CA ASP B 332 11.06 18.44 0.62
C ASP B 332 10.85 17.71 1.92
N TYR B 333 11.28 18.33 3.01
CA TYR B 333 11.21 17.71 4.32
C TYR B 333 9.77 17.46 4.76
N GLN B 334 8.85 18.28 4.27
CA GLN B 334 7.43 18.14 4.60
C GLN B 334 6.76 16.94 3.95
N ALA B 335 7.43 16.33 2.97
CA ALA B 335 6.91 15.16 2.29
C ALA B 335 7.58 13.85 2.69
N ILE B 336 8.49 13.90 3.67
CA ILE B 336 9.21 12.71 4.09
C ILE B 336 8.38 11.96 5.14
N PRO B 337 7.94 10.75 4.84
CA PRO B 337 7.20 9.95 5.83
C PRO B 337 8.11 9.32 6.88
N SER B 338 7.60 9.15 8.08
CA SER B 338 8.28 8.36 9.12
C SER B 338 7.31 7.25 9.50
N VAL B 339 7.78 6.01 9.38
CA VAL B 339 6.92 4.83 9.51
C VAL B 339 7.51 3.88 10.55
N VAL B 340 6.63 3.23 11.30
CA VAL B 340 6.99 2.17 12.23
C VAL B 340 6.42 0.88 11.65
N TYR B 341 7.26 -0.13 11.44
CA TYR B 341 6.87 -1.31 10.67
C TYR B 341 6.42 -2.49 11.54
N THR B 342 5.75 -2.15 12.63
CA THR B 342 4.94 -3.08 13.41
C THR B 342 3.65 -3.40 12.66
N HIS B 343 2.83 -4.26 13.26
CA HIS B 343 1.48 -4.50 12.76
C HIS B 343 0.54 -4.26 13.93
N PRO B 344 -0.29 -3.21 13.91
CA PRO B 344 -0.45 -2.29 12.78
C PRO B 344 0.77 -1.39 12.55
N GLU B 345 0.94 -0.92 11.31
CA GLU B 345 1.96 0.10 11.04
C GLU B 345 1.54 1.43 11.65
N ILE B 346 2.51 2.31 11.85
CA ILE B 346 2.29 3.62 12.43
C ILE B 346 3.04 4.60 11.57
N ALA B 347 2.41 5.69 11.16
CA ALA B 347 3.08 6.61 10.25
C ALA B 347 2.74 8.08 10.45
N ALA B 348 3.65 8.92 9.99
CA ALA B 348 3.48 10.37 10.01
C ALA B 348 4.16 10.99 8.80
N VAL B 349 3.53 12.02 8.25
CA VAL B 349 4.13 12.83 7.20
C VAL B 349 3.65 14.27 7.34
N GLY B 350 4.55 15.21 7.08
CA GLY B 350 4.29 16.61 7.30
C GLY B 350 4.12 16.94 8.77
N TYR B 351 3.39 18.01 9.06
CA TYR B 351 3.26 18.53 10.42
C TYR B 351 2.27 17.73 11.26
N THR B 352 2.64 17.50 12.53
CA THR B 352 1.70 16.99 13.51
C THR B 352 0.79 18.11 13.96
N GLU B 353 -0.28 17.74 14.66
CA GLU B 353 -1.15 18.72 15.30
C GLU B 353 -0.39 19.56 16.31
N GLU B 354 0.56 18.95 17.01
CA GLU B 354 1.36 19.66 18.02
C GLU B 354 2.19 20.77 17.38
N GLU B 355 2.79 20.46 16.23
CA GLU B 355 3.58 21.44 15.48
C GLU B 355 2.72 22.54 14.89
N LEU B 356 1.52 22.21 14.40
CA LEU B 356 0.61 23.22 13.85
C LEU B 356 0.14 24.19 14.94
N LYS B 357 -0.23 23.66 16.11
CA LYS B 357 -0.63 24.51 17.24
C LYS B 357 0.52 25.39 17.72
N ALA B 358 1.75 24.85 17.75
CA ALA B 358 2.90 25.61 18.22
C ALA B 358 3.18 26.78 17.29
N GLN B 359 2.93 26.58 16.01
CA GLN B 359 3.23 27.57 14.98
C GLN B 359 2.05 28.52 14.73
N GLY B 360 0.93 28.29 15.40
CA GLY B 360 -0.27 29.10 15.27
C GLY B 360 -0.96 29.01 13.92
N ILE B 361 -0.84 27.87 13.25
CA ILE B 361 -1.44 27.66 11.95
C ILE B 361 -2.85 27.10 12.16
N PRO B 362 -3.87 27.73 11.59
CA PRO B 362 -5.23 27.22 11.74
C PRO B 362 -5.45 26.06 10.78
N TYR B 363 -6.10 25.01 11.26
CA TYR B 363 -6.27 23.80 10.47
C TYR B 363 -7.60 23.10 10.76
N LYS B 364 -7.93 22.16 9.87
CA LYS B 364 -9.11 21.32 9.97
C LYS B 364 -8.61 19.89 10.09
N VAL B 365 -9.35 19.07 10.81
CA VAL B 365 -9.02 17.67 11.01
C VAL B 365 -10.06 16.84 10.25
N GLY B 366 -9.57 15.89 9.45
CA GLY B 366 -10.39 14.88 8.82
C GLY B 366 -9.88 13.51 9.24
N LYS B 367 -10.76 12.66 9.73
CA LYS B 367 -10.36 11.34 10.24
C LYS B 367 -11.34 10.27 9.76
N PHE B 368 -10.80 9.17 9.24
CA PHE B 368 -11.61 8.03 8.83
C PHE B 368 -11.05 6.77 9.49
N PRO B 369 -11.89 6.00 10.17
CA PRO B 369 -11.43 4.82 10.89
C PRO B 369 -11.40 3.56 10.01
N TYR B 370 -10.46 2.68 10.30
CA TYR B 370 -10.39 1.35 9.66
C TYR B 370 -11.67 0.54 9.85
N SER B 371 -12.41 0.83 10.92
CA SER B 371 -13.69 0.16 11.22
C SER B 371 -14.75 0.40 10.14
N ALA B 372 -14.68 1.53 9.47
CA ALA B 372 -15.60 1.88 8.39
C ALA B 372 -15.13 1.41 7.00
N SER B 373 -13.97 0.74 6.93
CA SER B 373 -13.37 0.36 5.66
C SER B 373 -13.80 -1.06 5.24
N GLY B 374 -14.36 -1.17 4.03
CA GLY B 374 -14.74 -2.46 3.47
C GLY B 374 -13.58 -3.42 3.37
N ARG B 375 -12.48 -2.97 2.80
CA ARG B 375 -11.27 -3.79 2.67
C ARG B 375 -10.69 -4.23 4.02
N ALA B 376 -10.57 -3.29 4.96
CA ALA B 376 -10.07 -3.61 6.29
C ALA B 376 -10.92 -4.69 6.94
N ARG B 377 -12.24 -4.56 6.85
CA ARG B 377 -13.12 -5.53 7.47
C ARG B 377 -12.94 -6.91 6.83
N ALA B 378 -12.81 -6.95 5.51
CA ALA B 378 -12.57 -8.20 4.78
C ALA B 378 -11.30 -8.92 5.24
N MET B 379 -10.26 -8.14 5.58
CA MET B 379 -8.99 -8.68 6.12
C MET B 379 -9.08 -9.15 7.57
N GLY B 380 -10.12 -8.76 8.29
CA GLY B 380 -10.24 -9.02 9.71
C GLY B 380 -9.59 -7.93 10.55
N GLU B 381 -9.42 -6.75 9.96
CA GLU B 381 -8.91 -5.57 10.64
C GLU B 381 -10.04 -4.57 10.91
N THR B 382 -10.09 -4.06 12.14
CA THR B 382 -11.11 -3.07 12.50
C THR B 382 -10.51 -1.84 13.21
N GLU B 383 -9.29 -1.96 13.71
CA GLU B 383 -8.69 -0.93 14.54
C GLU B 383 -7.75 -0.04 13.74
N GLY B 384 -7.77 1.24 14.07
CA GLY B 384 -6.88 2.20 13.45
C GLY B 384 -7.65 3.29 12.74
N PHE B 385 -6.89 4.25 12.22
CA PHE B 385 -7.46 5.39 11.52
C PHE B 385 -6.39 6.08 10.68
N ILE B 386 -6.85 6.90 9.75
CA ILE B 386 -5.99 7.88 9.12
C ILE B 386 -6.58 9.27 9.35
N LYS B 387 -5.70 10.23 9.61
CA LYS B 387 -6.08 11.60 9.90
C LYS B 387 -5.35 12.52 8.95
N VAL B 388 -6.10 13.37 8.24
CA VAL B 388 -5.54 14.42 7.39
C VAL B 388 -5.72 15.79 8.06
N LEU B 389 -4.65 16.57 8.11
CA LEU B 389 -4.68 17.94 8.62
C LEU B 389 -4.56 18.87 7.44
N ALA B 390 -5.53 19.79 7.29
CA ALA B 390 -5.54 20.73 6.19
C ALA B 390 -5.67 22.16 6.70
N HIS B 391 -5.03 23.09 6.01
CA HIS B 391 -5.04 24.50 6.40
C HIS B 391 -6.47 25.02 6.31
N ALA B 392 -6.92 25.75 7.33
CA ALA B 392 -8.32 26.19 7.42
C ALA B 392 -8.72 27.17 6.31
N LYS B 393 -7.79 27.99 5.84
CA LYS B 393 -8.09 28.94 4.76
C LYS B 393 -7.84 28.36 3.37
N THR B 394 -6.69 27.72 3.16
CA THR B 394 -6.29 27.31 1.82
C THR B 394 -6.60 25.87 1.46
N ASP B 395 -6.89 25.06 2.47
CA ASP B 395 -7.13 23.63 2.30
C ASP B 395 -5.87 22.82 1.93
N ARG B 396 -4.71 23.47 1.95
CA ARG B 396 -3.45 22.77 1.72
C ARG B 396 -3.30 21.63 2.73
N ILE B 397 -2.93 20.44 2.27
CA ILE B 397 -2.59 19.37 3.20
C ILE B 397 -1.34 19.82 3.93
N LEU B 398 -1.42 19.78 5.26
CA LEU B 398 -0.30 20.13 6.14
C LEU B 398 0.38 18.90 6.72
N GLY B 399 -0.39 17.84 6.90
CA GLY B 399 0.13 16.61 7.49
C GLY B 399 -0.86 15.47 7.36
N VAL B 400 -0.35 14.24 7.31
CA VAL B 400 -1.16 13.03 7.31
C VAL B 400 -0.57 12.01 8.25
N HIS B 401 -1.42 11.38 9.05
CA HIS B 401 -0.96 10.52 10.13
C HIS B 401 -1.92 9.35 10.32
N GLY B 402 -1.38 8.22 10.72
CA GLY B 402 -2.23 7.06 10.90
C GLY B 402 -1.62 5.94 11.68
N ILE B 403 -2.50 5.02 12.05
CA ILE B 403 -2.11 3.74 12.60
C ILE B 403 -3.12 2.72 12.10
N GLY B 404 -2.62 1.58 11.63
CA GLY B 404 -3.46 0.55 11.06
C GLY B 404 -2.66 -0.37 10.16
N ALA B 405 -3.29 -1.48 9.78
CA ALA B 405 -2.66 -2.43 8.88
C ALA B 405 -2.16 -1.70 7.65
N ARG B 406 -0.85 -1.84 7.39
CA ARG B 406 -0.24 -1.35 6.17
C ARG B 406 -0.38 0.16 5.97
N VAL B 407 -0.52 0.91 7.05
CA VAL B 407 -0.81 2.33 6.92
C VAL B 407 0.36 3.08 6.27
N GLY B 408 1.55 2.56 6.42
CA GLY B 408 2.71 3.14 5.75
C GLY B 408 2.60 3.08 4.24
N ASP B 409 2.10 1.95 3.73
CA ASP B 409 1.84 1.80 2.29
C ASP B 409 0.79 2.78 1.81
N VAL B 410 -0.28 2.90 2.58
CA VAL B 410 -1.33 3.83 2.24
C VAL B 410 -0.81 5.26 2.21
N LEU B 411 0.09 5.61 3.14
CA LEU B 411 0.55 7.00 3.25
C LEU B 411 1.66 7.37 2.26
N ALA B 412 2.14 6.41 1.49
CA ALA B 412 2.94 6.72 0.31
C ALA B 412 2.22 7.74 -0.56
N GLU B 413 0.90 7.56 -0.68
CA GLU B 413 0.06 8.48 -1.43
C GLU B 413 -0.01 9.87 -0.79
N ALA B 414 -0.05 9.91 0.54
CA ALA B 414 -0.04 11.17 1.28
C ALA B 414 1.27 11.93 1.10
N ALA B 415 2.39 11.22 1.11
CA ALA B 415 3.69 11.83 0.86
C ALA B 415 3.71 12.48 -0.54
N LEU B 416 3.21 11.77 -1.54
CA LEU B 416 3.10 12.33 -2.88
C LEU B 416 2.24 13.59 -2.89
N ALA B 417 1.07 13.54 -2.24
CA ALA B 417 0.19 14.70 -2.18
C ALA B 417 0.88 15.92 -1.56
N LEU B 418 1.66 15.69 -0.50
CA LEU B 418 2.42 16.75 0.14
C LEU B 418 3.53 17.28 -0.77
N PHE B 419 4.21 16.37 -1.47
CA PHE B 419 5.24 16.75 -2.45
C PHE B 419 4.66 17.66 -3.54
N PHE B 420 3.40 17.44 -3.89
CA PHE B 420 2.70 18.21 -4.91
C PHE B 420 2.00 19.45 -4.33
N LYS B 421 2.15 19.68 -3.03
CA LYS B 421 1.55 20.80 -2.32
C LYS B 421 0.07 20.86 -2.65
N ALA B 422 -0.56 19.69 -2.62
CA ALA B 422 -1.97 19.56 -2.99
C ALA B 422 -2.85 19.88 -1.80
N SER B 423 -4.13 20.09 -2.08
CA SER B 423 -5.13 20.30 -1.05
C SER B 423 -5.78 18.99 -0.64
N ALA B 424 -6.49 19.00 0.47
CA ALA B 424 -7.25 17.84 0.93
C ALA B 424 -8.30 17.46 -0.12
N GLU B 425 -8.95 18.48 -0.68
CA GLU B 425 -9.91 18.30 -1.77
C GLU B 425 -9.31 17.57 -2.96
N ASP B 426 -8.09 17.94 -3.36
CA ASP B 426 -7.42 17.31 -4.50
C ASP B 426 -7.27 15.81 -4.26
N LEU B 427 -6.81 15.47 -3.06
CA LEU B 427 -6.57 14.08 -2.68
C LEU B 427 -7.88 13.31 -2.54
N GLY B 428 -8.86 13.93 -1.90
CA GLY B 428 -10.14 13.31 -1.65
C GLY B 428 -10.96 13.07 -2.90
N ARG B 429 -10.72 13.87 -3.94
CA ARG B 429 -11.47 13.76 -5.19
C ARG B 429 -10.89 12.70 -6.11
N ALA B 430 -9.60 12.40 -5.95
CA ALA B 430 -8.90 11.45 -6.82
C ALA B 430 -9.59 10.08 -6.76
N PRO B 431 -9.71 9.40 -7.90
CA PRO B 431 -10.17 8.00 -7.89
C PRO B 431 -9.30 7.11 -7.00
N HIS B 432 -9.95 6.22 -6.25
CA HIS B 432 -9.28 5.21 -5.45
C HIS B 432 -9.97 3.88 -5.67
N ALA B 433 -9.18 2.83 -5.88
CA ALA B 433 -9.70 1.49 -6.07
C ALA B 433 -10.60 1.05 -4.91
N HIS B 434 -11.71 0.40 -5.26
CA HIS B 434 -12.57 -0.25 -4.28
C HIS B 434 -12.47 -1.76 -4.50
N PRO B 435 -12.38 -2.55 -3.44
CA PRO B 435 -12.18 -2.08 -2.06
C PRO B 435 -10.69 -2.08 -1.71
N SER B 436 -10.18 -0.97 -1.17
CA SER B 436 -8.76 -0.86 -0.86
C SER B 436 -8.57 -0.01 0.39
N LEU B 437 -7.46 -0.23 1.09
CA LEU B 437 -7.14 0.56 2.26
C LEU B 437 -6.93 2.02 1.87
N SER B 438 -6.56 2.28 0.63
CA SER B 438 -6.36 3.65 0.16
C SER B 438 -7.63 4.49 0.28
N GLU B 439 -8.81 3.86 0.23
CA GLU B 439 -10.07 4.60 0.40
C GLU B 439 -10.17 5.24 1.79
N ILE B 440 -9.44 4.69 2.76
CA ILE B 440 -9.40 5.28 4.09
C ILE B 440 -8.75 6.67 4.01
N LEU B 441 -7.65 6.76 3.27
CA LEU B 441 -7.01 8.05 3.04
C LEU B 441 -7.91 9.02 2.28
N LYS B 442 -8.55 8.53 1.22
CA LYS B 442 -9.48 9.31 0.41
C LYS B 442 -10.55 9.95 1.30
N GLU B 443 -11.18 9.14 2.14
CA GLU B 443 -12.28 9.61 2.97
C GLU B 443 -11.77 10.56 4.06
N ALA B 444 -10.60 10.28 4.64
CA ALA B 444 -10.02 11.21 5.61
C ALA B 444 -9.74 12.58 4.97
N ALA B 445 -9.28 12.57 3.72
CA ALA B 445 -8.96 13.80 2.99
C ALA B 445 -10.22 14.61 2.75
N LEU B 446 -11.27 13.95 2.28
CA LEU B 446 -12.57 14.58 2.05
C LEU B 446 -13.10 15.17 3.35
N ALA B 447 -12.90 14.46 4.45
CA ALA B 447 -13.35 14.92 5.76
C ALA B 447 -12.61 16.18 6.21
N ALA B 448 -11.33 16.27 5.88
CA ALA B 448 -10.53 17.45 6.19
C ALA B 448 -11.01 18.63 5.35
N TRP B 449 -11.27 18.36 4.07
CA TRP B 449 -11.71 19.39 3.12
C TRP B 449 -13.06 19.96 3.56
N GLU B 450 -14.05 19.08 3.69
CA GLU B 450 -15.40 19.46 4.11
C GLU B 450 -16.13 18.30 4.80
N ARG B 451 -16.54 17.30 4.02
CA ARG B 451 -17.18 16.10 4.56
C ARG B 451 -16.92 14.87 3.67
N PRO B 452 -16.80 13.70 4.28
CA PRO B 452 -16.64 12.46 3.53
C PRO B 452 -17.99 11.96 3.04
N ILE B 453 -17.99 10.93 2.19
CA ILE B 453 -19.23 10.26 1.79
C ILE B 453 -19.64 9.19 2.83
N HIS B 454 -18.66 8.52 3.43
CA HIS B 454 -18.94 7.31 4.22
C HIS B 454 -18.90 7.47 5.75
N LEU B 455 -19.02 8.69 6.25
CA LEU B 455 -19.31 8.93 7.66
C LEU B 455 -20.55 9.79 7.84
#